data_2PK3
#
_entry.id   2PK3
#
_cell.length_a   46.882
_cell.length_b   55.744
_cell.length_c   79.244
_cell.angle_alpha   72.54
_cell.angle_beta   82.95
_cell.angle_gamma   75.61
#
_symmetry.space_group_name_H-M   'P 1'
#
loop_
_entity.id
_entity.type
_entity.pdbx_description
1 polymer 'GDP-6-deoxy-D-lyxo-4-hexulose reductase'
2 non-polymer '[(2R,3R,4R,5R)-5-(6-AMINO-9H-PURIN-9-YL)-3-HYDROXY-4-(PHOSPHONOOXY)TETRAHYDROFURAN-2-YL]METHYL [(2R,3S,4R,5R)-3,4,5-TRIHYDROXYTETRAHYDROFURAN-2-YL]METHYL DIHYDROGEN DIPHOSPHATE'
3 non-polymer "GUANOSINE-5'-DIPHOSPHATE-ALPHA-D-MANNOSE"
4 water water
#
_entity_poly.entity_id   1
_entity_poly.type   'polypeptide(L)'
_entity_poly.pdbx_seq_one_letter_code
;MRGSHHHHHHGSMRALITGVAGFVGKYLANHLTEQNVEVFGTSRNNEAKLPNVEMISLDIMDSQRVKKVISDIKPDYIFH
LAAKSSVKDSWLNKKGTFSTNVFGTLHVLDAVRDSNLDCRILTIGSSEEYGMILPEESPVSEENQLRPMSPYGVSKASVG
MLARQYVKAYGMDIIHTRTFNHIGPGQSLGFVTQDFAKQIVDIEMEKQEPIIKVGNLEAVRDFTDVRDIVQAYWLLSQYG
KTGDVYNVCSGIGTRIQDVLDLLLAMANVKIDTELNPLQLRPSEVPTLIGSNKRLKDSTGWKPRIPLEKSLFEILQSYRQ
A
;
_entity_poly.pdbx_strand_id   A,B
#
loop_
_chem_comp.id
_chem_comp.type
_chem_comp.name
_chem_comp.formula
A2R non-polymer '[(2R,3R,4R,5R)-5-(6-AMINO-9H-PURIN-9-YL)-3-HYDROXY-4-(PHOSPHONOOXY)TETRAHYDROFURAN-2-YL]METHYL [(2R,3S,4R,5R)-3,4,5-TRIHYDROXYTETRAHYDROFURAN-2-YL]METHYL DIHYDROGEN DIPHOSPHATE' 'C15 H24 N5 O17 P3'
GDD non-polymer GUANOSINE-5'-DIPHOSPHATE-ALPHA-D-MANNOSE 'C16 H25 N5 O16 P2'
#
# COMPACT_ATOMS: atom_id res chain seq x y z
N MET A 13 6.22 29.75 -11.00
CA MET A 13 7.50 30.45 -10.90
C MET A 13 8.42 29.82 -9.84
N ARG A 14 7.86 29.23 -8.80
CA ARG A 14 8.67 28.72 -7.71
C ARG A 14 8.47 27.20 -7.57
N ALA A 15 9.58 26.45 -7.67
CA ALA A 15 9.55 24.98 -7.48
C ALA A 15 10.36 24.52 -6.28
N LEU A 16 9.80 23.56 -5.56
CA LEU A 16 10.51 22.88 -4.49
C LEU A 16 10.75 21.44 -4.93
N ILE A 17 12.02 21.01 -4.91
CA ILE A 17 12.34 19.59 -5.18
C ILE A 17 12.83 18.91 -3.90
N THR A 18 12.07 17.96 -3.37
CA THR A 18 12.59 17.17 -2.25
C THR A 18 13.56 16.11 -2.83
N GLY A 19 14.60 15.75 -2.06
CA GLY A 19 15.58 14.79 -2.56
C GLY A 19 16.39 15.34 -3.72
N VAL A 20 16.69 16.63 -3.68
CA VAL A 20 17.33 17.33 -4.81
C VAL A 20 18.77 16.86 -5.04
N ALA A 21 19.42 16.31 -4.01
CA ALA A 21 20.80 15.88 -4.15
C ALA A 21 20.90 14.45 -4.69
N GLY A 22 19.76 13.79 -4.90
CA GLY A 22 19.70 12.48 -5.55
C GLY A 22 20.01 12.55 -7.04
N PHE A 23 19.90 11.38 -7.68
CA PHE A 23 20.22 11.21 -9.11
C PHE A 23 19.37 12.10 -10.00
N VAL A 24 18.05 11.92 -9.88
CA VAL A 24 17.10 12.65 -10.72
C VAL A 24 17.10 14.11 -10.30
N GLY A 25 17.14 14.36 -8.99
CA GLY A 25 17.14 15.71 -8.42
C GLY A 25 18.09 16.68 -9.05
N LYS A 26 19.36 16.29 -9.17
CA LYS A 26 20.32 17.21 -9.77
C LYS A 26 19.96 17.58 -11.22
N TYR A 27 19.54 16.60 -12.01
CA TYR A 27 19.14 16.86 -13.40
C TYR A 27 17.88 17.71 -13.49
N LEU A 28 16.93 17.45 -12.59
CA LEU A 28 15.69 18.19 -12.58
C LEU A 28 15.93 19.65 -12.25
N ALA A 29 16.74 19.90 -11.22
CA ALA A 29 17.03 21.26 -10.82
C ALA A 29 17.67 22.02 -11.97
N ASN A 30 18.65 21.40 -12.61
CA ASN A 30 19.33 22.01 -13.74
C ASN A 30 18.30 22.36 -14.81
N HIS A 31 17.40 21.42 -15.10
CA HIS A 31 16.40 21.61 -16.14
C HIS A 31 15.41 22.74 -15.82
N LEU A 32 14.95 22.80 -14.57
CA LEU A 32 14.00 23.85 -14.17
C LEU A 32 14.63 25.25 -14.20
N THR A 33 15.87 25.35 -13.76
CA THR A 33 16.58 26.63 -13.76
C THR A 33 16.67 27.21 -15.17
N GLU A 34 16.78 26.32 -16.16
CA GLU A 34 16.82 26.72 -17.55
C GLU A 34 15.45 27.13 -18.12
N GLN A 35 14.37 26.80 -17.42
CA GLN A 35 13.03 27.24 -17.78
C GLN A 35 12.63 28.52 -17.04
N ASN A 36 13.61 29.16 -16.41
CA ASN A 36 13.41 30.37 -15.59
C ASN A 36 12.53 30.17 -14.35
N VAL A 37 12.58 28.96 -13.78
CA VAL A 37 11.87 28.65 -12.53
C VAL A 37 12.82 28.90 -11.37
N GLU A 38 12.32 29.50 -10.30
CA GLU A 38 13.11 29.65 -9.06
C GLU A 38 13.10 28.33 -8.30
N VAL A 39 14.29 27.75 -8.15
CA VAL A 39 14.40 26.39 -7.58
C VAL A 39 14.93 26.36 -6.15
N PHE A 40 14.12 25.70 -5.31
CA PHE A 40 14.47 25.36 -3.95
C PHE A 40 14.61 23.86 -3.92
N GLY A 41 15.60 23.38 -3.16
CA GLY A 41 15.81 21.92 -3.10
C GLY A 41 16.09 21.51 -1.69
N THR A 42 15.61 20.33 -1.31
CA THR A 42 15.88 19.83 0.04
C THR A 42 16.75 18.57 0.00
N SER A 43 17.57 18.43 1.04
CA SER A 43 18.37 17.24 1.25
C SER A 43 18.73 17.08 2.71
N ARG A 44 19.15 15.87 3.09
CA ARG A 44 19.68 15.61 4.44
C ARG A 44 21.17 15.93 4.54
N ASN A 45 21.84 16.00 3.39
CA ASN A 45 23.26 16.35 3.32
C ASN A 45 23.41 17.84 3.55
N ASN A 46 23.72 18.23 4.79
CA ASN A 46 23.75 19.63 5.20
C ASN A 46 24.89 20.43 4.57
N GLU A 47 25.72 19.74 3.78
CA GLU A 47 26.82 20.36 3.04
C GLU A 47 26.58 20.39 1.53
N ALA A 48 25.54 19.69 1.05
CA ALA A 48 25.22 19.64 -0.39
C ALA A 48 24.95 21.03 -0.98
N LYS A 49 25.50 21.28 -2.17
CA LYS A 49 25.32 22.55 -2.87
C LYS A 49 25.08 22.27 -4.35
N LEU A 50 24.18 23.04 -4.97
CA LEU A 50 23.83 22.89 -6.37
C LEU A 50 23.69 24.26 -7.00
N PRO A 51 24.16 24.43 -8.25
CA PRO A 51 24.16 25.74 -8.91
C PRO A 51 22.73 26.26 -9.11
N ASN A 52 22.48 27.48 -8.66
CA ASN A 52 21.20 28.16 -8.79
C ASN A 52 20.04 27.53 -8.02
N VAL A 53 20.34 26.79 -6.96
CA VAL A 53 19.33 26.17 -6.12
C VAL A 53 19.49 26.71 -4.71
N GLU A 54 18.39 27.15 -4.09
CA GLU A 54 18.41 27.46 -2.69
C GLU A 54 18.28 26.16 -1.92
N MET A 55 19.33 25.78 -1.20
CA MET A 55 19.34 24.48 -0.51
C MET A 55 18.80 24.59 0.90
N ILE A 56 17.98 23.59 1.28
CA ILE A 56 17.32 23.53 2.57
C ILE A 56 17.58 22.15 3.17
N SER A 57 17.99 22.15 4.44
CA SER A 57 18.19 20.91 5.17
C SER A 57 16.82 20.36 5.61
N LEU A 58 16.52 19.11 5.26
CA LEU A 58 15.22 18.52 5.59
C LEU A 58 15.27 16.99 5.55
N ASP A 59 14.84 16.36 6.66
CA ASP A 59 14.54 14.92 6.70
C ASP A 59 13.04 14.82 6.43
N ILE A 60 12.67 14.10 5.38
CA ILE A 60 11.27 13.98 4.97
C ILE A 60 10.39 13.31 6.05
N MET A 61 11.04 12.59 6.99
CA MET A 61 10.35 11.94 8.10
C MET A 61 9.97 12.87 9.26
N ASP A 62 10.46 14.12 9.22
CA ASP A 62 10.19 15.10 10.27
C ASP A 62 8.99 15.88 9.82
N SER A 63 7.80 15.44 10.22
CA SER A 63 6.54 15.96 9.68
C SER A 63 6.42 17.48 9.95
N GLN A 64 6.79 17.90 11.15
CA GLN A 64 6.66 19.32 11.50
C GLN A 64 7.66 20.20 10.71
N ARG A 65 8.84 19.67 10.43
CA ARG A 65 9.79 20.44 9.60
C ARG A 65 9.36 20.50 8.14
N VAL A 66 8.81 19.38 7.64
CA VAL A 66 8.22 19.40 6.30
C VAL A 66 7.16 20.51 6.20
N LYS A 67 6.25 20.56 7.19
N LYS A 67 6.25 20.57 7.18
N LYS A 67 6.26 20.59 7.19
CA LYS A 67 5.25 21.62 7.26
CA LYS A 67 5.24 21.63 7.22
CA LYS A 67 5.21 21.62 7.21
C LYS A 67 5.91 22.99 7.17
C LYS A 67 5.88 23.01 7.20
C LYS A 67 5.77 23.05 7.34
N LYS A 68 6.89 23.21 8.05
CA LYS A 68 7.54 24.52 8.18
C LYS A 68 8.21 24.96 6.88
N VAL A 69 8.92 24.03 6.24
CA VAL A 69 9.67 24.33 5.03
C VAL A 69 8.72 24.71 3.87
N ILE A 70 7.66 23.93 3.76
CA ILE A 70 6.65 24.17 2.71
C ILE A 70 5.89 25.48 3.00
N SER A 71 5.55 25.72 4.25
CA SER A 71 4.89 26.99 4.65
C SER A 71 5.79 28.23 4.37
N ASP A 72 7.11 28.06 4.55
CA ASP A 72 8.05 29.15 4.35
C ASP A 72 8.23 29.52 2.87
N ILE A 73 8.38 28.49 2.05
CA ILE A 73 8.75 28.62 0.63
C ILE A 73 7.53 28.91 -0.23
N LYS A 74 6.39 28.34 0.16
CA LYS A 74 5.11 28.59 -0.55
C LYS A 74 5.24 28.28 -2.05
N PRO A 75 5.76 27.10 -2.40
CA PRO A 75 6.06 26.79 -3.80
C PRO A 75 4.80 26.71 -4.67
N ASP A 76 4.96 26.99 -5.95
CA ASP A 76 3.90 26.75 -6.94
C ASP A 76 3.90 25.29 -7.41
N TYR A 77 5.09 24.66 -7.32
CA TYR A 77 5.28 23.23 -7.69
C TYR A 77 6.08 22.51 -6.64
N ILE A 78 5.71 21.26 -6.35
CA ILE A 78 6.58 20.39 -5.59
C ILE A 78 6.84 19.17 -6.44
N PHE A 79 8.12 18.86 -6.66
CA PHE A 79 8.52 17.58 -7.28
C PHE A 79 9.06 16.72 -6.17
N HIS A 80 8.28 15.71 -5.79
CA HIS A 80 8.59 14.95 -4.60
C HIS A 80 9.44 13.73 -4.95
N LEU A 81 10.75 13.93 -4.89
CA LEU A 81 11.73 12.87 -5.20
C LEU A 81 12.37 12.18 -4.01
N ALA A 82 12.23 12.72 -2.80
CA ALA A 82 12.86 12.09 -1.62
C ALA A 82 12.22 10.72 -1.34
N ALA A 83 13.04 9.67 -1.30
CA ALA A 83 12.56 8.29 -1.32
C ALA A 83 13.70 7.32 -1.09
N LYS A 84 13.34 6.09 -0.69
CA LYS A 84 14.20 4.93 -0.82
C LYS A 84 13.90 4.34 -2.19
N SER A 85 14.87 4.41 -3.08
CA SER A 85 14.65 4.15 -4.51
C SER A 85 15.04 2.72 -4.95
N SER A 86 15.68 1.98 -4.05
CA SER A 86 16.18 0.65 -4.39
C SER A 86 15.16 -0.51 -4.28
N VAL A 87 14.91 -1.18 -5.40
CA VAL A 87 14.04 -2.37 -5.38
C VAL A 87 14.74 -3.47 -4.59
N LYS A 88 16.03 -3.66 -4.90
CA LYS A 88 16.85 -4.70 -4.28
C LYS A 88 16.84 -4.57 -2.75
N ASP A 89 17.03 -3.34 -2.25
CA ASP A 89 17.16 -3.11 -0.82
C ASP A 89 15.81 -3.14 -0.09
N SER A 90 14.70 -2.98 -0.84
CA SER A 90 13.37 -3.00 -0.21
C SER A 90 13.01 -4.38 0.35
N TRP A 91 13.65 -5.42 -0.16
CA TRP A 91 13.44 -6.77 0.33
C TRP A 91 13.97 -6.90 1.74
N LEU A 92 15.09 -6.24 2.01
CA LEU A 92 15.73 -6.29 3.33
C LEU A 92 15.14 -5.27 4.30
N ASN A 93 14.83 -4.10 3.76
N ASN A 93 14.86 -4.07 3.81
CA ASN A 93 14.34 -2.97 4.51
CA ASN A 93 14.31 -3.03 4.67
C ASN A 93 12.89 -2.66 4.08
C ASN A 93 12.90 -2.65 4.23
N LYS A 94 11.98 -3.60 4.35
CA LYS A 94 10.59 -3.41 3.93
C LYS A 94 9.94 -2.23 4.63
N LYS A 95 10.03 -2.22 5.97
CA LYS A 95 9.40 -1.15 6.75
C LYS A 95 9.99 0.20 6.46
N GLY A 96 11.30 0.29 6.36
CA GLY A 96 11.94 1.58 6.07
C GLY A 96 11.56 2.13 4.71
N THR A 97 11.43 1.26 3.71
CA THR A 97 11.01 1.68 2.38
C THR A 97 9.59 2.23 2.43
N PHE A 98 8.72 1.55 3.19
N PHE A 98 8.69 1.45 3.03
CA PHE A 98 7.35 2.03 3.40
CA PHE A 98 7.31 1.87 3.15
C PHE A 98 7.25 3.33 4.23
C PHE A 98 7.22 3.21 3.79
N SER A 99 7.98 3.45 5.36
N SER A 99 7.81 3.30 4.99
CA SER A 99 7.93 4.69 6.13
CA SER A 99 7.72 4.54 5.77
C SER A 99 8.41 5.88 5.31
C SER A 99 8.25 5.74 5.01
N THR A 100 9.52 5.71 4.60
CA THR A 100 10.11 6.82 3.85
C THR A 100 9.22 7.24 2.66
N ASN A 101 8.81 6.26 1.87
CA ASN A 101 8.06 6.53 0.63
C ASN A 101 6.60 6.94 0.87
N VAL A 102 5.91 6.18 1.71
CA VAL A 102 4.50 6.51 2.01
C VAL A 102 4.38 7.66 3.00
N PHE A 103 5.08 7.57 4.13
CA PHE A 103 4.88 8.62 5.15
C PHE A 103 5.54 9.93 4.75
N GLY A 104 6.71 9.87 4.13
CA GLY A 104 7.34 11.11 3.59
C GLY A 104 6.38 11.81 2.64
N THR A 105 5.72 11.04 1.77
CA THR A 105 4.72 11.61 0.87
C THR A 105 3.55 12.24 1.60
N LEU A 106 2.99 11.52 2.58
CA LEU A 106 1.95 12.10 3.43
C LEU A 106 2.35 13.39 4.10
N HIS A 107 3.59 13.45 4.61
CA HIS A 107 4.03 14.71 5.25
C HIS A 107 4.02 15.85 4.25
N VAL A 108 4.45 15.58 3.01
CA VAL A 108 4.44 16.62 1.94
C VAL A 108 2.99 17.05 1.61
N LEU A 109 2.12 16.07 1.40
CA LEU A 109 0.74 16.36 1.04
C LEU A 109 0.01 17.10 2.16
N ASP A 110 0.22 16.66 3.39
CA ASP A 110 -0.42 17.32 4.54
C ASP A 110 0.12 18.74 4.75
N ALA A 111 1.41 18.95 4.50
CA ALA A 111 1.96 20.34 4.52
C ALA A 111 1.23 21.26 3.56
N VAL A 112 0.99 20.80 2.33
CA VAL A 112 0.31 21.64 1.35
C VAL A 112 -1.13 21.88 1.77
N ARG A 113 -1.79 20.80 2.17
N ARG A 113 -1.75 20.86 2.38
CA ARG A 113 -3.20 20.84 2.56
CA ARG A 113 -3.06 21.00 3.06
C ARG A 113 -3.36 21.80 3.74
C ARG A 113 -3.03 22.06 4.17
N ASP A 114 -2.43 21.74 4.68
N ASP A 114 -2.16 21.88 5.17
CA ASP A 114 -2.46 22.63 5.88
CA ASP A 114 -2.12 22.79 6.30
C ASP A 114 -2.23 24.12 5.58
C ASP A 114 -1.91 24.24 5.86
N SER A 115 -1.24 24.43 4.74
CA SER A 115 -0.89 25.78 4.33
C SER A 115 -1.92 26.32 3.31
N ASN A 116 -2.80 25.43 2.87
CA ASN A 116 -3.82 25.72 1.86
C ASN A 116 -3.16 26.36 0.64
N LEU A 117 -2.09 25.74 0.16
CA LEU A 117 -1.28 26.38 -0.90
C LEU A 117 -1.83 26.08 -2.30
N ASP A 118 -1.73 27.09 -3.17
CA ASP A 118 -2.03 26.97 -4.60
C ASP A 118 -0.79 26.36 -5.28
N CYS A 119 -0.66 25.04 -5.14
CA CYS A 119 0.58 24.35 -5.50
C CYS A 119 0.22 23.04 -6.19
N ARG A 120 0.94 22.70 -7.27
CA ARG A 120 0.81 21.38 -7.91
C ARG A 120 1.92 20.47 -7.46
N ILE A 121 1.55 19.25 -7.04
CA ILE A 121 2.52 18.28 -6.57
C ILE A 121 2.65 17.15 -7.61
N LEU A 122 3.88 16.84 -7.95
CA LEU A 122 4.14 15.66 -8.76
C LEU A 122 4.71 14.61 -7.81
N THR A 123 3.96 13.53 -7.63
CA THR A 123 4.45 12.37 -6.89
C THR A 123 5.07 11.39 -7.89
N ILE A 124 6.23 10.84 -7.52
CA ILE A 124 6.97 9.94 -8.38
C ILE A 124 6.73 8.49 -8.01
N GLY A 125 6.05 7.79 -8.90
CA GLY A 125 5.82 6.36 -8.73
C GLY A 125 6.68 5.57 -9.69
N SER A 126 6.32 4.30 -9.85
CA SER A 126 7.20 3.35 -10.52
C SER A 126 6.43 2.34 -11.35
N SER A 127 7.08 1.84 -12.41
CA SER A 127 6.55 0.69 -13.11
C SER A 127 6.45 -0.57 -12.19
N GLU A 128 7.16 -0.54 -11.05
CA GLU A 128 7.03 -1.63 -10.04
C GLU A 128 5.62 -1.71 -9.41
N GLU A 129 4.81 -0.67 -9.59
CA GLU A 129 3.40 -0.68 -9.14
C GLU A 129 2.57 -1.69 -9.95
N TYR A 130 2.95 -1.85 -11.22
CA TYR A 130 2.29 -2.83 -12.08
C TYR A 130 2.68 -4.25 -11.69
N GLY A 131 3.97 -4.47 -11.47
CA GLY A 131 4.47 -5.80 -11.11
C GLY A 131 4.30 -6.80 -12.24
N MET A 132 3.57 -7.89 -12.00
CA MET A 132 3.37 -8.93 -13.01
C MET A 132 2.35 -8.47 -14.06
N ILE A 133 2.83 -8.35 -15.29
CA ILE A 133 2.07 -7.89 -16.44
C ILE A 133 1.65 -9.11 -17.28
N LEU A 134 0.35 -9.27 -17.54
CA LEU A 134 -0.09 -10.34 -18.46
C LEU A 134 0.46 -10.04 -19.86
N PRO A 135 0.90 -11.08 -20.60
CA PRO A 135 1.41 -10.85 -21.96
C PRO A 135 0.47 -10.01 -22.84
N GLU A 136 -0.83 -10.24 -22.73
CA GLU A 136 -1.85 -9.47 -23.46
C GLU A 136 -1.92 -7.99 -23.06
N GLU A 137 -1.31 -7.65 -21.92
CA GLU A 137 -1.41 -6.30 -21.34
C GLU A 137 -0.27 -5.37 -21.79
N SER A 138 0.77 -5.95 -22.36
CA SER A 138 1.99 -5.20 -22.69
C SER A 138 1.94 -4.61 -24.09
N PRO A 139 2.51 -3.39 -24.28
CA PRO A 139 3.03 -2.46 -23.25
C PRO A 139 1.92 -1.90 -22.36
N VAL A 140 2.19 -1.78 -21.06
CA VAL A 140 1.12 -1.46 -20.12
C VAL A 140 0.66 -0.02 -20.15
N SER A 141 -0.67 0.16 -20.09
CA SER A 141 -1.22 1.51 -20.02
C SER A 141 -1.67 1.75 -18.60
N GLU A 142 -2.02 3.00 -18.32
CA GLU A 142 -2.23 3.45 -16.95
C GLU A 142 -3.42 2.85 -16.23
N GLU A 143 -4.35 2.27 -17.00
CA GLU A 143 -5.56 1.69 -16.44
C GLU A 143 -5.32 0.25 -15.99
N ASN A 144 -4.13 -0.27 -16.28
CA ASN A 144 -3.76 -1.65 -15.97
C ASN A 144 -3.81 -1.91 -14.47
N GLN A 145 -4.21 -3.11 -14.13
CA GLN A 145 -4.23 -3.59 -12.76
C GLN A 145 -2.86 -3.46 -12.13
N LEU A 146 -2.82 -3.05 -10.87
CA LEU A 146 -1.58 -3.00 -10.08
C LEU A 146 -1.36 -4.33 -9.35
N ARG A 147 -0.27 -5.04 -9.68
CA ARG A 147 0.07 -6.31 -9.03
C ARG A 147 1.54 -6.33 -8.55
N PRO A 148 1.94 -5.40 -7.67
CA PRO A 148 3.35 -5.27 -7.32
C PRO A 148 3.97 -6.58 -6.85
N MET A 149 5.21 -6.85 -7.26
CA MET A 149 5.94 -8.06 -6.83
C MET A 149 7.03 -7.78 -5.80
N SER A 150 7.38 -6.51 -5.59
CA SER A 150 8.41 -6.16 -4.61
C SER A 150 7.82 -5.25 -3.54
N PRO A 151 8.41 -5.22 -2.33
CA PRO A 151 7.93 -4.30 -1.27
C PRO A 151 8.01 -2.84 -1.72
N TYR A 152 9.06 -2.50 -2.47
CA TYR A 152 9.18 -1.17 -3.08
C TYR A 152 7.94 -0.84 -3.91
N GLY A 153 7.54 -1.80 -4.74
CA GLY A 153 6.36 -1.68 -5.59
C GLY A 153 5.12 -1.41 -4.75
N VAL A 154 5.02 -2.10 -3.62
CA VAL A 154 3.87 -1.88 -2.72
C VAL A 154 3.93 -0.46 -2.19
N SER A 155 5.13 -0.01 -1.80
CA SER A 155 5.21 1.40 -1.34
C SER A 155 4.76 2.45 -2.39
N LYS A 156 5.22 2.31 -3.64
CA LYS A 156 4.87 3.26 -4.70
C LYS A 156 3.40 3.13 -5.08
N ALA A 157 2.85 1.90 -5.02
CA ALA A 157 1.43 1.71 -5.31
C ALA A 157 0.62 2.47 -4.28
N SER A 158 1.07 2.42 -3.01
CA SER A 158 0.39 3.15 -1.92
C SER A 158 0.47 4.67 -2.10
N VAL A 159 1.64 5.18 -2.52
CA VAL A 159 1.79 6.61 -2.82
C VAL A 159 0.78 7.06 -3.88
N GLY A 160 0.68 6.31 -4.98
CA GLY A 160 -0.26 6.61 -6.04
C GLY A 160 -1.71 6.60 -5.56
N MET A 161 -2.05 5.62 -4.73
CA MET A 161 -3.44 5.50 -4.25
C MET A 161 -3.76 6.71 -3.38
N LEU A 162 -2.83 7.07 -2.51
CA LEU A 162 -3.04 8.24 -1.63
C LEU A 162 -3.09 9.56 -2.40
N ALA A 163 -2.25 9.69 -3.44
CA ALA A 163 -2.31 10.85 -4.34
C ALA A 163 -3.72 11.05 -4.89
N ARG A 164 -4.30 9.98 -5.43
CA ARG A 164 -5.67 10.01 -5.97
C ARG A 164 -6.68 10.37 -4.88
N GLN A 165 -6.53 9.77 -3.71
CA GLN A 165 -7.46 10.08 -2.61
C GLN A 165 -7.37 11.54 -2.15
N TYR A 166 -6.15 12.10 -2.10
CA TYR A 166 -6.01 13.51 -1.71
C TYR A 166 -6.67 14.47 -2.71
N VAL A 167 -6.54 14.18 -4.00
CA VAL A 167 -7.30 14.89 -5.03
C VAL A 167 -8.82 14.82 -4.80
N LYS A 168 -9.33 13.61 -4.60
CA LYS A 168 -10.77 13.43 -4.41
C LYS A 168 -11.33 13.99 -3.12
N ALA A 169 -10.62 13.73 -2.02
CA ALA A 169 -11.15 14.09 -0.70
C ALA A 169 -10.96 15.57 -0.40
N TYR A 170 -9.84 16.13 -0.85
CA TYR A 170 -9.43 17.47 -0.41
C TYR A 170 -9.25 18.51 -1.55
N GLY A 171 -9.55 18.11 -2.79
CA GLY A 171 -9.54 19.01 -3.94
C GLY A 171 -8.14 19.48 -4.30
N MET A 172 -7.15 18.64 -4.01
CA MET A 172 -5.76 19.00 -4.23
C MET A 172 -5.34 18.84 -5.68
N ASP A 173 -4.17 19.43 -6.01
CA ASP A 173 -3.65 19.41 -7.37
C ASP A 173 -2.43 18.48 -7.38
N ILE A 174 -2.69 17.20 -7.71
CA ILE A 174 -1.61 16.20 -7.66
C ILE A 174 -1.61 15.39 -8.93
N ILE A 175 -0.41 15.17 -9.49
CA ILE A 175 -0.20 14.28 -10.62
C ILE A 175 0.80 13.21 -10.17
N HIS A 176 0.48 11.94 -10.40
CA HIS A 176 1.35 10.84 -10.06
C HIS A 176 1.96 10.25 -11.33
N THR A 177 3.28 9.96 -11.31
CA THR A 177 3.92 9.33 -12.45
C THR A 177 4.11 7.83 -12.16
N ARG A 178 4.17 7.02 -13.21
CA ARG A 178 4.75 5.67 -13.05
C ARG A 178 5.95 5.63 -13.96
N THR A 179 7.10 5.94 -13.37
CA THR A 179 8.35 6.06 -14.13
C THR A 179 8.99 4.68 -14.26
N PHE A 180 9.41 4.35 -15.49
CA PHE A 180 10.06 3.05 -15.74
C PHE A 180 11.57 3.23 -15.52
N ASN A 181 12.41 2.30 -15.95
CA ASN A 181 13.84 2.44 -15.60
C ASN A 181 14.50 3.69 -16.16
N HIS A 182 15.15 4.43 -15.28
CA HIS A 182 15.82 5.69 -15.66
C HIS A 182 17.32 5.58 -15.41
N ILE A 183 18.11 6.06 -16.37
CA ILE A 183 19.54 5.81 -16.39
C ILE A 183 20.31 7.05 -16.86
N GLY A 184 21.59 7.08 -16.53
CA GLY A 184 22.42 8.22 -16.87
C GLY A 184 23.59 8.39 -15.93
N PRO A 185 24.57 9.21 -16.35
CA PRO A 185 25.71 9.46 -15.47
C PRO A 185 25.26 10.04 -14.13
N GLY A 186 25.84 9.53 -13.05
CA GLY A 186 25.53 10.06 -11.71
C GLY A 186 24.60 9.20 -10.87
N GLN A 187 23.94 8.22 -11.47
CA GLN A 187 23.10 7.31 -10.70
C GLN A 187 23.99 6.58 -9.69
N SER A 188 23.47 6.33 -8.50
CA SER A 188 24.21 5.56 -7.49
C SER A 188 24.47 4.12 -7.92
N LEU A 189 25.50 3.51 -7.33
CA LEU A 189 25.64 2.06 -7.38
C LEU A 189 24.39 1.36 -6.76
N GLY A 190 24.15 0.11 -7.14
CA GLY A 190 22.96 -0.63 -6.68
C GLY A 190 21.92 -0.71 -7.77
N PHE A 191 22.24 -0.09 -8.91
CA PHE A 191 21.37 -0.12 -10.09
C PHE A 191 22.20 -0.62 -11.26
N VAL A 192 21.54 -1.30 -12.20
CA VAL A 192 22.22 -2.23 -13.12
C VAL A 192 23.25 -1.60 -14.05
N THR A 193 22.91 -0.44 -14.62
CA THR A 193 23.84 0.19 -15.56
C THR A 193 25.08 0.71 -14.84
N GLN A 194 24.90 1.18 -13.60
CA GLN A 194 26.02 1.63 -12.76
C GLN A 194 26.87 0.47 -12.27
N ASP A 195 26.22 -0.53 -11.66
CA ASP A 195 26.87 -1.79 -11.29
C ASP A 195 27.73 -2.42 -12.40
N PHE A 196 27.24 -2.44 -13.64
CA PHE A 196 28.00 -3.04 -14.76
C PHE A 196 29.11 -2.14 -15.27
N ALA A 197 28.77 -0.87 -15.49
CA ALA A 197 29.73 0.09 -16.03
C ALA A 197 30.95 0.23 -15.13
N LYS A 198 30.68 0.33 -13.82
CA LYS A 198 31.71 0.45 -12.79
C LYS A 198 32.73 -0.70 -12.84
N GLN A 199 32.23 -1.94 -12.91
CA GLN A 199 33.14 -3.08 -13.02
C GLN A 199 33.97 -3.04 -14.30
N ILE A 200 33.34 -2.70 -15.42
CA ILE A 200 34.01 -2.66 -16.72
C ILE A 200 35.20 -1.70 -16.68
N VAL A 201 34.98 -0.50 -16.13
CA VAL A 201 36.05 0.49 -16.06
C VAL A 201 37.15 0.07 -15.09
N ASP A 202 36.77 -0.54 -13.96
CA ASP A 202 37.75 -1.10 -13.02
C ASP A 202 38.61 -2.17 -13.73
N ILE A 203 37.96 -3.02 -14.52
CA ILE A 203 38.66 -4.01 -15.36
C ILE A 203 39.64 -3.33 -16.34
N GLU A 204 39.19 -2.26 -16.99
CA GLU A 204 40.05 -1.49 -17.90
C GLU A 204 41.24 -0.89 -17.16
N MET A 205 41.03 -0.54 -15.89
CA MET A 205 42.06 0.09 -15.08
C MET A 205 42.92 -0.94 -14.33
N GLU A 206 42.80 -2.21 -14.71
CA GLU A 206 43.53 -3.33 -14.08
C GLU A 206 43.36 -3.36 -12.55
N LYS A 207 42.17 -2.96 -12.08
CA LYS A 207 41.84 -2.99 -10.65
C LYS A 207 40.88 -4.14 -10.33
N GLN A 208 40.56 -4.95 -11.34
CA GLN A 208 39.68 -6.09 -11.22
C GLN A 208 40.04 -7.09 -12.33
N GLU A 209 40.03 -8.38 -11.98
CA GLU A 209 40.12 -9.49 -12.92
C GLU A 209 39.12 -9.32 -14.08
N PRO A 210 39.51 -9.74 -15.31
CA PRO A 210 38.69 -9.58 -16.52
C PRO A 210 37.47 -10.51 -16.52
N ILE A 211 36.74 -10.50 -15.41
CA ILE A 211 35.51 -11.27 -15.23
C ILE A 211 34.49 -10.36 -14.57
N ILE A 212 33.35 -10.15 -15.23
CA ILE A 212 32.28 -9.31 -14.68
C ILE A 212 31.18 -10.11 -13.91
N LYS A 213 30.78 -9.58 -12.74
CA LYS A 213 29.83 -10.25 -11.84
C LYS A 213 28.44 -9.63 -11.96
N VAL A 214 27.44 -10.48 -12.20
CA VAL A 214 26.10 -10.03 -12.62
C VAL A 214 24.98 -10.81 -11.91
N GLY A 215 23.76 -10.28 -11.99
CA GLY A 215 22.58 -10.99 -11.50
C GLY A 215 21.79 -11.61 -12.64
N ASN A 216 20.48 -11.42 -12.60
CA ASN A 216 19.56 -11.97 -13.61
C ASN A 216 19.65 -11.20 -14.93
N LEU A 217 20.12 -11.88 -15.98
CA LEU A 217 20.30 -11.25 -17.29
C LEU A 217 19.08 -11.44 -18.19
N GLU A 218 18.10 -12.19 -17.69
CA GLU A 218 16.91 -12.50 -18.49
C GLU A 218 15.78 -11.48 -18.32
N ALA A 219 15.85 -10.64 -17.29
CA ALA A 219 14.84 -9.60 -17.07
C ALA A 219 14.77 -8.63 -18.23
N VAL A 220 13.60 -8.05 -18.43
CA VAL A 220 13.40 -7.02 -19.46
C VAL A 220 12.92 -5.75 -18.80
N ARG A 221 13.59 -4.65 -19.13
CA ARG A 221 13.21 -3.36 -18.59
C ARG A 221 13.06 -2.34 -19.71
N ASP A 222 12.37 -1.25 -19.39
CA ASP A 222 12.14 -0.14 -20.31
C ASP A 222 13.04 0.98 -19.77
N PHE A 223 14.07 1.36 -20.56
CA PHE A 223 15.07 2.36 -20.15
C PHE A 223 14.89 3.72 -20.83
N THR A 224 15.03 4.78 -20.05
CA THR A 224 14.97 6.15 -20.57
C THR A 224 16.06 6.93 -19.86
N ASP A 225 16.71 7.83 -20.59
CA ASP A 225 17.77 8.64 -20.02
C ASP A 225 17.16 9.64 -19.07
N VAL A 226 17.80 9.81 -17.92
CA VAL A 226 17.37 10.78 -16.89
C VAL A 226 17.11 12.19 -17.44
N ARG A 227 17.84 12.60 -18.47
CA ARG A 227 17.63 13.92 -19.10
C ARG A 227 16.27 14.02 -19.80
N ASP A 228 15.80 12.92 -20.38
CA ASP A 228 14.47 12.88 -20.96
C ASP A 228 13.36 12.81 -19.90
N ILE A 229 13.63 12.05 -18.83
CA ILE A 229 12.72 11.94 -17.67
C ILE A 229 12.39 13.33 -17.11
N VAL A 230 13.41 14.14 -16.86
CA VAL A 230 13.16 15.41 -16.20
C VAL A 230 12.39 16.38 -17.10
N GLN A 231 12.62 16.28 -18.42
CA GLN A 231 11.79 17.04 -19.37
C GLN A 231 10.31 16.62 -19.25
N ALA A 232 10.07 15.30 -19.17
CA ALA A 232 8.69 14.81 -18.99
C ALA A 232 8.09 15.34 -17.68
N TYR A 233 8.88 15.36 -16.62
CA TYR A 233 8.38 15.85 -15.33
C TYR A 233 7.99 17.33 -15.42
N TRP A 234 8.85 18.11 -16.05
CA TRP A 234 8.58 19.53 -16.28
C TRP A 234 7.29 19.70 -17.10
N LEU A 235 7.19 18.98 -18.22
CA LEU A 235 6.02 19.09 -19.09
C LEU A 235 4.70 18.69 -18.40
N LEU A 236 4.74 17.61 -17.61
CA LEU A 236 3.58 17.19 -16.81
C LEU A 236 3.13 18.28 -15.83
N SER A 237 4.08 18.92 -15.14
CA SER A 237 3.73 19.96 -14.20
C SER A 237 2.99 21.09 -14.94
N GLN A 238 3.40 21.34 -16.20
CA GLN A 238 2.81 22.40 -17.02
C GLN A 238 1.49 22.05 -17.69
N TYR A 239 1.38 20.82 -18.17
CA TYR A 239 0.25 20.44 -19.04
C TYR A 239 -0.54 19.23 -18.56
N GLY A 240 -0.06 18.57 -17.52
CA GLY A 240 -0.75 17.41 -16.99
C GLY A 240 -2.10 17.75 -16.38
N LYS A 241 -2.99 16.77 -16.35
CA LYS A 241 -4.33 16.90 -15.79
C LYS A 241 -4.35 16.44 -14.35
N THR A 242 -4.84 17.29 -13.46
CA THR A 242 -4.94 16.96 -12.04
C THR A 242 -5.63 15.61 -11.80
N GLY A 243 -5.02 14.77 -10.95
CA GLY A 243 -5.57 13.49 -10.57
C GLY A 243 -5.26 12.37 -11.57
N ASP A 244 -4.70 12.71 -12.74
CA ASP A 244 -4.32 11.64 -13.67
C ASP A 244 -2.96 11.02 -13.30
N VAL A 245 -2.77 9.78 -13.75
CA VAL A 245 -1.49 9.08 -13.66
C VAL A 245 -0.88 9.05 -15.07
N TYR A 246 0.45 9.22 -15.13
CA TYR A 246 1.19 9.19 -16.39
C TYR A 246 2.37 8.23 -16.33
N ASN A 247 2.38 7.23 -17.20
CA ASN A 247 3.61 6.46 -17.45
C ASN A 247 4.65 7.39 -18.04
N VAL A 248 5.89 7.27 -17.55
CA VAL A 248 7.03 7.96 -18.12
C VAL A 248 8.03 6.87 -18.50
N CYS A 249 8.18 6.69 -19.81
CA CYS A 249 8.88 5.53 -20.33
C CYS A 249 9.12 5.66 -21.83
N SER A 250 9.91 4.73 -22.37
CA SER A 250 10.31 4.74 -23.76
C SER A 250 9.48 3.80 -24.64
N GLY A 251 8.78 2.85 -24.02
CA GLY A 251 7.97 1.90 -24.79
C GLY A 251 8.76 0.80 -25.48
N ILE A 252 10.05 0.67 -25.14
CA ILE A 252 10.93 -0.34 -25.74
C ILE A 252 11.48 -1.20 -24.62
N GLY A 253 11.39 -2.52 -24.77
CA GLY A 253 11.96 -3.43 -23.79
C GLY A 253 13.35 -3.83 -24.20
N THR A 254 14.29 -3.75 -23.27
CA THR A 254 15.65 -4.26 -23.46
C THR A 254 15.96 -5.34 -22.41
N ARG A 255 16.42 -6.52 -22.86
CA ARG A 255 16.88 -7.56 -21.96
C ARG A 255 18.15 -7.07 -21.28
N ILE A 256 18.30 -7.39 -20.00
CA ILE A 256 19.50 -7.03 -19.24
C ILE A 256 20.76 -7.61 -19.90
N GLN A 257 20.63 -8.81 -20.48
CA GLN A 257 21.68 -9.41 -21.30
C GLN A 257 22.21 -8.45 -22.37
N ASP A 258 21.30 -7.75 -23.05
CA ASP A 258 21.69 -6.81 -24.11
C ASP A 258 22.21 -5.47 -23.60
N VAL A 259 21.81 -5.09 -22.38
CA VAL A 259 22.43 -3.93 -21.71
C VAL A 259 23.92 -4.27 -21.43
N LEU A 260 24.16 -5.45 -20.86
CA LEU A 260 25.50 -5.93 -20.61
C LEU A 260 26.31 -6.00 -21.91
N ASP A 261 25.72 -6.57 -22.96
CA ASP A 261 26.41 -6.75 -24.25
C ASP A 261 26.80 -5.42 -24.90
N LEU A 262 25.92 -4.43 -24.81
CA LEU A 262 26.19 -3.09 -25.35
C LEU A 262 27.37 -2.46 -24.63
N LEU A 263 27.36 -2.57 -23.31
CA LEU A 263 28.45 -2.08 -22.48
C LEU A 263 29.77 -2.81 -22.76
N LEU A 264 29.73 -4.13 -22.88
CA LEU A 264 30.96 -4.90 -23.13
C LEU A 264 31.56 -4.60 -24.50
N ALA A 265 30.71 -4.29 -25.47
CA ALA A 265 31.18 -3.95 -26.82
C ALA A 265 31.89 -2.58 -26.85
N MET A 266 31.66 -1.76 -25.83
CA MET A 266 32.31 -0.45 -25.69
C MET A 266 33.58 -0.49 -24.85
N ALA A 267 33.82 -1.63 -24.19
CA ALA A 267 35.01 -1.83 -23.38
C ALA A 267 36.17 -2.18 -24.28
N ASN A 268 37.38 -1.82 -23.85
CA ASN A 268 38.57 -2.04 -24.68
C ASN A 268 39.41 -3.24 -24.26
N VAL A 269 38.82 -4.09 -23.42
CA VAL A 269 39.35 -5.42 -23.13
C VAL A 269 38.24 -6.48 -23.16
N LYS A 270 38.61 -7.70 -23.55
CA LYS A 270 37.70 -8.86 -23.51
C LYS A 270 37.32 -9.19 -22.07
N ILE A 271 36.02 -9.39 -21.83
CA ILE A 271 35.51 -9.59 -20.45
C ILE A 271 34.59 -10.81 -20.36
N ASP A 272 34.91 -11.72 -19.44
CA ASP A 272 34.04 -12.88 -19.14
C ASP A 272 32.93 -12.49 -18.17
N THR A 273 31.81 -13.21 -18.22
CA THR A 273 30.65 -12.95 -17.33
C THR A 273 30.43 -14.09 -16.32
N GLU A 274 30.10 -13.74 -15.08
CA GLU A 274 29.88 -14.71 -14.00
C GLU A 274 28.70 -14.33 -13.12
N LEU A 275 27.91 -15.32 -12.71
CA LEU A 275 26.78 -15.09 -11.81
C LEU A 275 27.24 -14.77 -10.39
N ASN A 276 26.75 -13.64 -9.86
CA ASN A 276 26.83 -13.34 -8.43
C ASN A 276 25.44 -13.53 -7.82
N PRO A 277 25.25 -14.60 -7.03
CA PRO A 277 23.93 -14.90 -6.45
C PRO A 277 23.40 -13.84 -5.47
N LEU A 278 24.28 -12.98 -4.94
CA LEU A 278 23.84 -11.86 -4.07
C LEU A 278 23.15 -10.75 -4.87
N GLN A 279 23.26 -10.81 -6.19
CA GLN A 279 22.56 -9.87 -7.07
C GLN A 279 21.14 -10.34 -7.47
N LEU A 280 20.81 -11.59 -7.13
CA LEU A 280 19.46 -12.11 -7.39
C LEU A 280 18.50 -11.62 -6.33
N ARG A 281 17.27 -11.34 -6.72
CA ARG A 281 16.25 -10.92 -5.75
C ARG A 281 15.30 -12.10 -5.43
N PRO A 282 14.68 -12.09 -4.22
CA PRO A 282 13.79 -13.19 -3.79
C PRO A 282 12.69 -13.47 -4.80
N SER A 283 12.15 -12.41 -5.39
CA SER A 283 11.13 -12.49 -6.41
C SER A 283 11.29 -11.25 -7.26
N GLU A 284 11.08 -11.37 -8.58
CA GLU A 284 11.31 -10.22 -9.45
C GLU A 284 10.33 -10.19 -10.62
N VAL A 285 9.99 -8.98 -11.08
CA VAL A 285 9.16 -8.86 -12.28
C VAL A 285 10.02 -9.24 -13.48
N PRO A 286 9.55 -10.22 -14.29
CA PRO A 286 10.37 -10.64 -15.41
C PRO A 286 10.44 -9.59 -16.53
N THR A 287 9.37 -8.83 -16.74
CA THR A 287 9.31 -7.87 -17.85
C THR A 287 8.37 -6.68 -17.60
N LEU A 288 8.88 -5.49 -17.89
CA LEU A 288 8.12 -4.25 -17.75
C LEU A 288 8.40 -3.36 -18.97
N ILE A 289 7.37 -3.15 -19.79
CA ILE A 289 7.44 -2.27 -20.96
C ILE A 289 6.17 -1.43 -20.91
N GLY A 290 6.30 -0.10 -20.97
CA GLY A 290 5.15 0.77 -20.78
C GLY A 290 4.67 1.48 -22.02
N SER A 291 3.39 1.82 -22.05
CA SER A 291 2.86 2.74 -23.06
C SER A 291 3.01 4.20 -22.61
N ASN A 292 3.66 5.02 -23.42
CA ASN A 292 3.82 6.45 -23.09
C ASN A 292 2.84 7.31 -23.89
N LYS A 293 1.81 6.67 -24.44
CA LYS A 293 0.82 7.36 -25.27
C LYS A 293 0.16 8.54 -24.54
N ARG A 294 -0.26 8.31 -23.30
CA ARG A 294 -0.92 9.36 -22.52
C ARG A 294 -0.01 10.55 -22.32
N LEU A 295 1.24 10.27 -21.96
CA LEU A 295 2.22 11.34 -21.75
C LEU A 295 2.47 12.11 -23.05
N LYS A 296 2.71 11.37 -24.15
CA LYS A 296 3.01 12.00 -25.45
C LYS A 296 1.84 12.87 -25.91
N ASP A 297 0.62 12.38 -25.73
CA ASP A 297 -0.59 13.10 -26.16
C ASP A 297 -0.83 14.38 -25.37
N SER A 298 -0.56 14.32 -24.07
CA SER A 298 -0.74 15.45 -23.16
C SER A 298 0.31 16.54 -23.26
N THR A 299 1.54 16.17 -23.62
CA THR A 299 2.67 17.08 -23.48
C THR A 299 3.49 17.30 -24.75
N GLY A 300 3.37 16.41 -25.74
CA GLY A 300 4.24 16.43 -26.91
C GLY A 300 5.67 15.94 -26.64
N TRP A 301 5.86 15.29 -25.49
CA TRP A 301 7.16 14.72 -25.09
C TRP A 301 7.56 13.56 -26.00
N LYS A 302 8.86 13.47 -26.29
CA LYS A 302 9.42 12.30 -26.96
C LYS A 302 10.77 12.04 -26.29
N PRO A 303 11.12 10.76 -26.05
CA PRO A 303 12.51 10.62 -25.62
C PRO A 303 13.48 10.95 -26.78
N ARG A 304 14.66 11.48 -26.45
CA ARG A 304 15.62 11.90 -27.46
C ARG A 304 16.94 11.14 -27.45
N ILE A 305 17.35 10.69 -26.27
CA ILE A 305 18.67 10.08 -26.08
C ILE A 305 18.60 8.55 -26.20
N PRO A 306 19.24 7.97 -27.25
CA PRO A 306 19.26 6.51 -27.39
C PRO A 306 20.00 5.79 -26.26
N LEU A 307 19.62 4.54 -26.01
CA LEU A 307 20.24 3.71 -24.96
C LEU A 307 21.76 3.61 -25.07
N GLU A 308 22.27 3.44 -26.28
N GLU A 308 22.27 3.45 -26.29
CA GLU A 308 23.69 3.35 -26.58
CA GLU A 308 23.71 3.37 -26.57
C GLU A 308 24.47 4.59 -26.05
C GLU A 308 24.48 4.59 -26.04
N LYS A 309 23.93 5.78 -26.29
CA LYS A 309 24.53 7.04 -25.82
C LYS A 309 24.55 7.11 -24.29
N SER A 310 23.41 6.84 -23.66
CA SER A 310 23.33 6.76 -22.20
C SER A 310 24.41 5.87 -21.63
N LEU A 311 24.56 4.68 -22.21
CA LEU A 311 25.47 3.67 -21.66
C LEU A 311 26.91 4.13 -21.85
N PHE A 312 27.18 4.70 -23.02
CA PHE A 312 28.51 5.22 -23.31
C PHE A 312 28.87 6.34 -22.33
N GLU A 313 27.92 7.25 -22.08
CA GLU A 313 28.19 8.37 -21.19
C GLU A 313 28.42 7.93 -19.75
N ILE A 314 27.74 6.87 -19.32
CA ILE A 314 27.97 6.23 -18.03
C ILE A 314 29.41 5.68 -17.95
N LEU A 315 29.82 4.92 -18.96
CA LEU A 315 31.24 4.46 -19.02
C LEU A 315 32.24 5.62 -18.93
N GLN A 316 32.00 6.66 -19.73
CA GLN A 316 32.81 7.87 -19.69
C GLN A 316 32.93 8.46 -18.28
N SER A 317 31.82 8.52 -17.54
CA SER A 317 31.82 9.10 -16.19
C SER A 317 32.79 8.35 -15.25
N TYR A 318 32.76 7.01 -15.30
CA TYR A 318 33.66 6.20 -14.46
C TYR A 318 35.10 6.36 -14.92
N ARG A 319 35.27 6.43 -16.23
CA ARG A 319 36.60 6.50 -16.83
C ARG A 319 37.35 7.80 -16.49
N GLN A 320 36.58 8.86 -16.28
CA GLN A 320 37.11 10.20 -16.00
C GLN A 320 37.17 10.52 -14.50
N ALA A 321 36.66 9.59 -13.67
CA ALA A 321 36.55 9.78 -12.21
C ALA A 321 37.89 9.84 -11.47
N MET B 13 -3.24 -29.48 17.82
N MET B 13 -4.18 -29.23 17.27
CA MET B 13 -3.30 -28.25 16.96
CA MET B 13 -3.43 -28.10 16.62
C MET B 13 -3.34 -26.99 17.82
C MET B 13 -3.57 -26.79 17.43
N ARG B 14 -2.48 -26.02 17.49
CA ARG B 14 -2.39 -24.80 18.27
C ARG B 14 -2.69 -23.62 17.37
N ALA B 15 -3.59 -22.75 17.83
CA ALA B 15 -3.87 -21.53 17.06
C ALA B 15 -3.55 -20.31 17.91
N LEU B 16 -2.95 -19.29 17.28
CA LEU B 16 -2.68 -18.01 17.91
C LEU B 16 -3.56 -16.98 17.21
N ILE B 17 -4.36 -16.26 17.99
CA ILE B 17 -5.20 -15.18 17.45
C ILE B 17 -4.61 -13.87 17.99
N THR B 18 -4.12 -13.00 17.10
CA THR B 18 -3.72 -11.66 17.54
C THR B 18 -4.99 -10.80 17.55
N GLY B 19 -5.06 -9.80 18.44
CA GLY B 19 -6.24 -8.96 18.58
C GLY B 19 -7.45 -9.77 19.07
N VAL B 20 -7.18 -10.70 20.00
CA VAL B 20 -8.21 -11.69 20.43
C VAL B 20 -9.35 -11.03 21.23
N ALA B 21 -9.04 -9.89 21.86
CA ALA B 21 -10.02 -9.18 22.70
C ALA B 21 -10.91 -8.23 21.87
N GLY B 22 -10.67 -8.17 20.57
CA GLY B 22 -11.50 -7.39 19.66
C GLY B 22 -12.82 -8.07 19.35
N PHE B 23 -13.61 -7.42 18.50
CA PHE B 23 -14.94 -7.90 18.14
C PHE B 23 -14.88 -9.32 17.54
N VAL B 24 -14.12 -9.48 16.46
CA VAL B 24 -14.04 -10.79 15.78
C VAL B 24 -13.32 -11.81 16.65
N GLY B 25 -12.28 -11.36 17.32
CA GLY B 25 -11.43 -12.24 18.11
C GLY B 25 -12.16 -13.04 19.14
N LYS B 26 -13.03 -12.40 19.93
CA LYS B 26 -13.76 -13.13 20.95
C LYS B 26 -14.62 -14.26 20.34
N TYR B 27 -15.28 -13.96 19.23
CA TYR B 27 -16.09 -14.97 18.53
C TYR B 27 -15.26 -16.07 17.91
N LEU B 28 -14.13 -15.70 17.30
CA LEU B 28 -13.24 -16.69 16.71
C LEU B 28 -12.66 -17.64 17.78
N ALA B 29 -12.21 -17.08 18.89
CA ALA B 29 -11.69 -17.89 20.00
C ALA B 29 -12.73 -18.92 20.44
N ASN B 30 -13.95 -18.46 20.68
CA ASN B 30 -15.02 -19.38 21.07
C ASN B 30 -15.24 -20.49 20.02
N HIS B 31 -15.29 -20.10 18.74
CA HIS B 31 -15.48 -21.06 17.63
C HIS B 31 -14.36 -22.11 17.56
N LEU B 32 -13.11 -21.66 17.65
CA LEU B 32 -11.95 -22.57 17.58
C LEU B 32 -11.88 -23.56 18.73
N THR B 33 -12.15 -23.08 19.94
CA THR B 33 -12.16 -23.94 21.12
C THR B 33 -13.21 -25.07 20.97
N GLU B 34 -14.28 -24.79 20.25
CA GLU B 34 -15.30 -25.80 19.94
C GLU B 34 -14.84 -26.81 18.88
N GLN B 35 -13.79 -26.49 18.15
CA GLN B 35 -13.20 -27.44 17.19
C GLN B 35 -12.02 -28.22 17.81
N ASN B 36 -11.89 -28.16 19.12
CA ASN B 36 -10.79 -28.81 19.85
C ASN B 36 -9.38 -28.31 19.45
N VAL B 37 -9.31 -27.04 19.09
CA VAL B 37 -8.05 -26.37 18.79
C VAL B 37 -7.61 -25.75 20.12
N GLU B 38 -6.33 -25.86 20.46
CA GLU B 38 -5.79 -25.14 21.63
C GLU B 38 -5.54 -23.67 21.26
N VAL B 39 -6.21 -22.76 21.96
CA VAL B 39 -6.25 -21.36 21.53
C VAL B 39 -5.40 -20.47 22.43
N PHE B 40 -4.50 -19.72 21.80
CA PHE B 40 -3.68 -18.71 22.47
C PHE B 40 -4.11 -17.39 21.88
N GLY B 41 -4.20 -16.35 22.69
CA GLY B 41 -4.73 -15.09 22.17
C GLY B 41 -3.92 -13.94 22.69
N THR B 42 -3.72 -12.91 21.89
CA THR B 42 -2.92 -11.74 22.31
C THR B 42 -3.78 -10.48 22.35
N SER B 43 -3.48 -9.63 23.34
CA SER B 43 -4.11 -8.33 23.44
C SER B 43 -3.19 -7.39 24.20
N ARG B 44 -3.40 -6.08 24.05
CA ARG B 44 -2.58 -5.06 24.75
C ARG B 44 -3.06 -4.74 26.16
N ASN B 45 -4.29 -5.11 26.47
CA ASN B 45 -4.79 -4.94 27.82
C ASN B 45 -4.57 -6.20 28.65
N ASN B 46 -3.84 -6.03 29.76
CA ASN B 46 -3.42 -7.15 30.60
C ASN B 46 -4.53 -7.60 31.55
N GLU B 47 -5.63 -6.87 31.54
CA GLU B 47 -6.79 -7.18 32.38
C GLU B 47 -7.98 -7.68 31.54
N ALA B 48 -7.66 -8.42 30.47
CA ALA B 48 -8.68 -9.04 29.63
C ALA B 48 -9.21 -10.34 30.28
N LYS B 49 -9.32 -11.43 29.50
CA LYS B 49 -9.61 -12.81 29.96
C LYS B 49 -10.76 -13.45 29.18
N LEU B 50 -10.53 -14.64 28.63
CA LEU B 50 -11.50 -15.33 27.77
C LEU B 50 -11.52 -16.82 28.09
N PRO B 51 -12.73 -17.42 28.14
CA PRO B 51 -12.82 -18.86 28.43
C PRO B 51 -12.00 -19.70 27.47
N ASN B 52 -11.15 -20.56 28.05
CA ASN B 52 -10.34 -21.53 27.30
C ASN B 52 -9.31 -20.93 26.35
N VAL B 53 -8.90 -19.69 26.64
CA VAL B 53 -7.87 -19.05 25.83
C VAL B 53 -6.70 -18.75 26.75
N GLU B 54 -5.49 -19.10 26.31
CA GLU B 54 -4.30 -18.66 27.03
C GLU B 54 -3.98 -17.25 26.55
N MET B 55 -4.14 -16.27 27.45
CA MET B 55 -4.01 -14.85 27.10
C MET B 55 -2.56 -14.41 27.23
N ILE B 56 -2.09 -13.67 26.24
CA ILE B 56 -0.72 -13.17 26.22
C ILE B 56 -0.73 -11.66 25.97
N SER B 57 -0.01 -10.91 26.79
CA SER B 57 0.09 -9.48 26.59
C SER B 57 1.03 -9.18 25.39
N LEU B 58 0.54 -8.43 24.39
CA LEU B 58 1.38 -8.12 23.20
C LEU B 58 0.92 -6.90 22.42
N ASP B 59 1.84 -5.96 22.22
CA ASP B 59 1.67 -4.90 21.26
C ASP B 59 2.26 -5.33 19.94
N ILE B 60 1.42 -5.41 18.91
CA ILE B 60 1.86 -5.89 17.61
C ILE B 60 2.97 -5.05 16.94
N MET B 61 3.13 -3.81 17.40
CA MET B 61 4.15 -2.90 16.88
C MET B 61 5.56 -3.16 17.45
N ASP B 62 5.64 -4.11 18.37
CA ASP B 62 6.91 -4.46 19.01
C ASP B 62 7.44 -5.68 18.31
N SER B 63 8.33 -5.47 17.34
CA SER B 63 8.71 -6.58 16.46
C SER B 63 9.40 -7.75 17.20
N GLN B 64 10.27 -7.41 18.16
CA GLN B 64 10.98 -8.46 18.90
C GLN B 64 10.08 -9.22 19.84
N ARG B 65 9.11 -8.53 20.45
CA ARG B 65 8.12 -9.22 21.31
C ARG B 65 7.19 -10.11 20.50
N VAL B 66 6.85 -9.67 19.29
CA VAL B 66 6.08 -10.52 18.35
C VAL B 66 6.87 -11.80 18.02
N LYS B 67 8.17 -11.66 17.73
CA LYS B 67 8.97 -12.85 17.43
C LYS B 67 9.01 -13.80 18.60
N LYS B 68 9.21 -13.23 19.80
CA LYS B 68 9.32 -14.02 21.01
C LYS B 68 8.06 -14.83 21.30
N VAL B 69 6.90 -14.18 21.24
CA VAL B 69 5.61 -14.86 21.39
C VAL B 69 5.43 -16.00 20.39
N ILE B 70 5.68 -15.71 19.12
CA ILE B 70 5.50 -16.71 18.05
C ILE B 70 6.51 -17.84 18.19
N SER B 71 7.74 -17.50 18.57
CA SER B 71 8.77 -18.49 18.87
C SER B 71 8.37 -19.40 20.05
N ASP B 72 7.78 -18.82 21.10
CA ASP B 72 7.39 -19.57 22.28
C ASP B 72 6.22 -20.54 22.00
N ILE B 73 5.18 -20.02 21.35
CA ILE B 73 3.94 -20.79 21.11
C ILE B 73 4.07 -21.80 19.99
N LYS B 74 4.86 -21.48 18.96
CA LYS B 74 5.03 -22.37 17.81
C LYS B 74 3.67 -22.80 17.23
N PRO B 75 2.81 -21.83 16.96
CA PRO B 75 1.48 -22.19 16.49
C PRO B 75 1.45 -22.86 15.10
N ASP B 76 0.41 -23.66 14.90
CA ASP B 76 0.08 -24.27 13.61
C ASP B 76 -0.72 -23.30 12.75
N TYR B 77 -1.44 -22.38 13.41
CA TYR B 77 -2.27 -21.40 12.70
C TYR B 77 -2.11 -20.08 13.38
N ILE B 78 -2.03 -19.00 12.60
CA ILE B 78 -2.17 -17.67 13.18
C ILE B 78 -3.31 -16.98 12.46
N PHE B 79 -4.26 -16.45 13.23
CA PHE B 79 -5.35 -15.63 12.71
C PHE B 79 -5.03 -14.19 13.12
N HIS B 80 -4.55 -13.41 12.16
CA HIS B 80 -3.99 -12.12 12.50
C HIS B 80 -5.07 -11.04 12.45
N LEU B 81 -5.69 -10.75 13.60
CA LEU B 81 -6.80 -9.77 13.66
C LEU B 81 -6.41 -8.43 14.28
N ALA B 82 -5.21 -8.34 14.88
CA ALA B 82 -4.84 -7.08 15.49
C ALA B 82 -4.73 -6.02 14.39
N ALA B 83 -5.44 -4.89 14.55
CA ALA B 83 -5.47 -3.86 13.51
C ALA B 83 -6.21 -2.63 13.97
N LYS B 84 -6.05 -1.56 13.21
CA LYS B 84 -6.91 -0.42 13.27
C LYS B 84 -7.98 -0.70 12.24
N SER B 85 -9.19 -0.90 12.71
CA SER B 85 -10.28 -1.41 11.89
C SER B 85 -11.22 -0.32 11.37
N SER B 86 -11.05 0.91 11.84
CA SER B 86 -12.01 1.95 11.46
C SER B 86 -11.67 2.64 10.13
N VAL B 87 -12.61 2.60 9.16
CA VAL B 87 -12.42 3.37 7.93
C VAL B 87 -12.52 4.87 8.23
N LYS B 88 -13.51 5.21 9.06
CA LYS B 88 -13.78 6.60 9.45
C LYS B 88 -12.53 7.24 10.05
N ASP B 89 -11.93 6.54 11.02
CA ASP B 89 -10.81 7.07 11.77
C ASP B 89 -9.52 7.10 10.91
N SER B 90 -9.46 6.26 9.87
CA SER B 90 -8.26 6.20 8.98
C SER B 90 -8.02 7.52 8.24
N TRP B 91 -9.05 8.31 8.05
CA TRP B 91 -8.89 9.62 7.43
C TRP B 91 -8.11 10.61 8.31
N LEU B 92 -8.31 10.54 9.62
CA LEU B 92 -7.60 11.37 10.59
C LEU B 92 -6.26 10.77 10.99
N ASN B 93 -6.17 9.44 11.03
N ASN B 93 -6.22 9.43 11.01
CA ASN B 93 -4.94 8.78 11.48
CA ASN B 93 -5.06 8.67 11.46
C ASN B 93 -4.30 7.94 10.39
C ASN B 93 -4.46 7.89 10.29
N LYS B 94 -3.91 8.57 9.28
CA LYS B 94 -3.48 7.80 8.10
C LYS B 94 -2.22 6.96 8.40
N LYS B 95 -1.23 7.61 9.03
CA LYS B 95 0.05 6.95 9.32
C LYS B 95 -0.16 5.89 10.36
N GLY B 96 -0.98 6.14 11.39
CA GLY B 96 -1.20 5.11 12.44
C GLY B 96 -1.91 3.87 11.89
N THR B 97 -2.87 4.08 10.99
CA THR B 97 -3.58 2.95 10.36
C THR B 97 -2.61 2.13 9.51
N PHE B 98 -1.72 2.83 8.82
N PHE B 98 -1.84 2.79 8.67
CA PHE B 98 -0.63 2.20 8.05
CA PHE B 98 -0.99 2.06 7.73
C PHE B 98 0.39 1.45 8.92
C PHE B 98 0.05 1.29 8.55
N SER B 99 0.91 2.11 9.95
N SER B 99 0.65 1.99 9.52
CA SER B 99 1.92 1.46 10.78
CA SER B 99 1.68 1.37 10.35
C SER B 99 1.34 0.22 11.42
C SER B 99 1.16 0.15 11.14
N THR B 100 0.13 0.34 11.97
CA THR B 100 -0.46 -0.82 12.68
C THR B 100 -0.79 -1.98 11.75
N ASN B 101 -1.48 -1.67 10.65
CA ASN B 101 -1.96 -2.74 9.76
C ASN B 101 -0.84 -3.37 8.93
N VAL B 102 -0.01 -2.55 8.30
CA VAL B 102 1.08 -3.06 7.46
C VAL B 102 2.26 -3.56 8.29
N PHE B 103 2.74 -2.75 9.22
CA PHE B 103 3.94 -3.14 9.98
C PHE B 103 3.63 -4.24 10.98
N GLY B 104 2.47 -4.17 11.63
CA GLY B 104 2.00 -5.28 12.51
C GLY B 104 1.99 -6.60 11.78
N THR B 105 1.45 -6.58 10.57
CA THR B 105 1.46 -7.78 9.72
C THR B 105 2.89 -8.27 9.39
N LEU B 106 3.73 -7.35 8.95
CA LEU B 106 5.11 -7.70 8.66
C LEU B 106 5.78 -8.31 9.89
N HIS B 107 5.51 -7.77 11.10
CA HIS B 107 6.11 -8.37 12.32
C HIS B 107 5.72 -9.84 12.50
N VAL B 108 4.44 -10.14 12.29
CA VAL B 108 3.93 -11.53 12.36
C VAL B 108 4.58 -12.40 11.29
N LEU B 109 4.58 -11.93 10.06
CA LEU B 109 5.10 -12.74 8.99
C LEU B 109 6.60 -13.03 9.18
N ASP B 110 7.36 -12.00 9.55
CA ASP B 110 8.79 -12.16 9.80
C ASP B 110 9.11 -13.09 10.97
N ALA B 111 8.27 -13.07 11.99
CA ALA B 111 8.41 -14.00 13.12
C ALA B 111 8.27 -15.44 12.65
N VAL B 112 7.27 -15.70 11.82
CA VAL B 112 7.06 -17.06 11.33
C VAL B 112 8.22 -17.47 10.43
N ARG B 113 8.64 -16.52 9.59
N ARG B 113 8.72 -16.54 9.62
CA ARG B 113 9.75 -16.67 8.66
CA ARG B 113 9.88 -16.84 8.77
C ARG B 113 11.03 -17.04 9.43
C ARG B 113 11.14 -17.16 9.59
N ASP B 114 11.29 -16.29 10.50
N ASP B 114 11.43 -16.30 10.56
CA ASP B 114 12.50 -16.48 11.30
CA ASP B 114 12.61 -16.45 11.41
C ASP B 114 12.52 -17.83 12.02
C ASP B 114 12.60 -17.72 12.25
N SER B 115 11.42 -18.15 12.67
CA SER B 115 11.26 -19.40 13.41
C SER B 115 11.16 -20.61 12.49
N ASN B 116 11.04 -20.34 11.17
CA ASN B 116 10.82 -21.40 10.16
C ASN B 116 9.68 -22.36 10.57
N LEU B 117 8.56 -21.80 11.00
CA LEU B 117 7.47 -22.63 11.51
C LEU B 117 6.59 -23.20 10.41
N ASP B 118 6.12 -24.41 10.65
CA ASP B 118 5.09 -25.05 9.83
C ASP B 118 3.71 -24.54 10.29
N CYS B 119 3.38 -23.33 9.82
CA CYS B 119 2.26 -22.59 10.34
C CYS B 119 1.53 -21.93 9.17
N ARG B 120 0.20 -22.00 9.19
CA ARG B 120 -0.59 -21.25 8.22
C ARG B 120 -1.08 -19.93 8.83
N ILE B 121 -0.83 -18.84 8.12
CA ILE B 121 -1.28 -17.53 8.58
C ILE B 121 -2.45 -17.07 7.74
N LEU B 122 -3.52 -16.63 8.42
CA LEU B 122 -4.62 -15.96 7.77
C LEU B 122 -4.47 -14.46 8.05
N THR B 123 -4.23 -13.70 6.98
CA THR B 123 -4.22 -12.23 7.07
C THR B 123 -5.62 -11.73 6.71
N ILE B 124 -6.10 -10.73 7.44
CA ILE B 124 -7.49 -10.27 7.28
C ILE B 124 -7.49 -8.96 6.51
N GLY B 125 -7.99 -9.01 5.30
CA GLY B 125 -8.11 -7.79 4.50
C GLY B 125 -9.56 -7.36 4.38
N SER B 126 -9.86 -6.53 3.39
CA SER B 126 -11.13 -5.82 3.41
C SER B 126 -11.66 -5.58 2.01
N SER B 127 -12.97 -5.48 1.89
CA SER B 127 -13.54 -4.96 0.62
C SER B 127 -13.12 -3.54 0.31
N GLU B 128 -12.67 -2.78 1.33
CA GLU B 128 -12.10 -1.46 1.04
C GLU B 128 -10.90 -1.53 0.09
N GLU B 129 -10.26 -2.71 -0.03
CA GLU B 129 -9.15 -2.87 -1.02
C GLU B 129 -9.65 -2.64 -2.45
N TYR B 130 -10.91 -3.03 -2.71
CA TYR B 130 -11.48 -2.82 -4.04
C TYR B 130 -11.75 -1.34 -4.30
N GLY B 131 -12.38 -0.69 -3.33
CA GLY B 131 -12.72 0.71 -3.48
C GLY B 131 -13.82 0.87 -4.52
N MET B 132 -13.57 1.74 -5.47
CA MET B 132 -14.45 2.09 -6.55
C MET B 132 -14.61 0.91 -7.50
N ILE B 133 -15.77 0.25 -7.46
CA ILE B 133 -16.02 -0.84 -8.42
C ILE B 133 -17.00 -0.42 -9.54
N LEU B 134 -16.64 -0.73 -10.78
CA LEU B 134 -17.49 -0.46 -11.95
C LEU B 134 -18.77 -1.33 -11.93
N PRO B 135 -19.93 -0.78 -12.33
CA PRO B 135 -21.18 -1.56 -12.23
C PRO B 135 -21.11 -2.95 -12.89
N GLU B 136 -20.38 -3.06 -14.01
CA GLU B 136 -20.17 -4.34 -14.70
C GLU B 136 -19.24 -5.31 -13.97
N GLU B 137 -18.66 -4.84 -12.87
CA GLU B 137 -17.74 -5.68 -12.10
C GLU B 137 -18.43 -6.32 -10.88
N SER B 138 -19.60 -5.79 -10.53
CA SER B 138 -20.35 -6.22 -9.34
C SER B 138 -21.27 -7.43 -9.62
N PRO B 139 -21.37 -8.35 -8.64
CA PRO B 139 -20.56 -8.38 -7.40
C PRO B 139 -19.10 -8.72 -7.70
N VAL B 140 -18.18 -8.11 -6.95
CA VAL B 140 -16.75 -8.20 -7.27
C VAL B 140 -16.14 -9.54 -6.95
N SER B 141 -15.28 -10.02 -7.84
CA SER B 141 -14.56 -11.25 -7.57
C SER B 141 -13.12 -10.88 -7.30
N GLU B 142 -12.35 -11.89 -6.93
CA GLU B 142 -11.04 -11.67 -6.30
C GLU B 142 -9.99 -11.15 -7.29
N GLU B 143 -10.25 -11.30 -8.60
CA GLU B 143 -9.27 -10.82 -9.59
C GLU B 143 -9.52 -9.39 -10.03
N ASN B 144 -10.55 -8.77 -9.48
CA ASN B 144 -10.88 -7.38 -9.80
C ASN B 144 -9.74 -6.44 -9.44
N GLN B 145 -9.55 -5.37 -10.20
CA GLN B 145 -8.49 -4.46 -9.77
C GLN B 145 -8.80 -3.73 -8.44
N LEU B 146 -7.72 -3.36 -7.76
CA LEU B 146 -7.82 -2.70 -6.46
C LEU B 146 -7.68 -1.18 -6.68
N ARG B 147 -8.72 -0.46 -6.29
CA ARG B 147 -8.82 0.97 -6.48
C ARG B 147 -9.29 1.60 -5.14
N PRO B 148 -8.54 1.38 -4.05
CA PRO B 148 -9.03 1.82 -2.75
C PRO B 148 -9.34 3.32 -2.70
N MET B 149 -10.37 3.67 -1.95
CA MET B 149 -10.81 5.04 -1.76
C MET B 149 -10.49 5.63 -0.37
N SER B 150 -10.16 4.78 0.59
CA SER B 150 -9.87 5.25 1.94
C SER B 150 -8.46 4.86 2.27
N PRO B 151 -7.82 5.60 3.19
CA PRO B 151 -6.48 5.23 3.64
C PRO B 151 -6.49 3.84 4.25
N TYR B 152 -7.54 3.51 4.98
CA TYR B 152 -7.69 2.12 5.48
C TYR B 152 -7.58 1.10 4.35
N GLY B 153 -8.29 1.37 3.26
CA GLY B 153 -8.25 0.51 2.07
C GLY B 153 -6.83 0.33 1.52
N VAL B 154 -6.07 1.41 1.49
CA VAL B 154 -4.65 1.33 1.07
C VAL B 154 -3.87 0.44 2.02
N SER B 155 -4.06 0.60 3.33
CA SER B 155 -3.34 -0.27 4.30
C SER B 155 -3.64 -1.77 4.09
N LYS B 156 -4.92 -2.09 3.94
CA LYS B 156 -5.27 -3.51 3.71
C LYS B 156 -4.81 -4.03 2.33
N ALA B 157 -4.88 -3.18 1.29
CA ALA B 157 -4.39 -3.59 -0.05
C ALA B 157 -2.91 -3.94 0.08
N SER B 158 -2.18 -3.14 0.84
CA SER B 158 -0.74 -3.39 1.07
C SER B 158 -0.50 -4.69 1.84
N VAL B 159 -1.29 -4.95 2.89
CA VAL B 159 -1.22 -6.23 3.59
C VAL B 159 -1.39 -7.42 2.62
N GLY B 160 -2.44 -7.35 1.77
CA GLY B 160 -2.64 -8.43 0.78
C GLY B 160 -1.47 -8.62 -0.20
N MET B 161 -0.93 -7.53 -0.71
CA MET B 161 0.18 -7.58 -1.68
C MET B 161 1.37 -8.20 -1.02
N LEU B 162 1.62 -7.79 0.22
CA LEU B 162 2.78 -8.35 0.97
C LEU B 162 2.62 -9.84 1.29
N ALA B 163 1.42 -10.24 1.75
CA ALA B 163 1.07 -11.67 1.94
C ALA B 163 1.40 -12.48 0.69
N ARG B 164 0.98 -12.00 -0.49
CA ARG B 164 1.27 -12.72 -1.74
C ARG B 164 2.78 -12.79 -2.00
N GLN B 165 3.46 -11.69 -1.71
CA GLN B 165 4.91 -11.66 -1.88
C GLN B 165 5.67 -12.60 -0.95
N TYR B 166 5.22 -12.72 0.30
CA TYR B 166 5.88 -13.64 1.21
C TYR B 166 5.69 -15.12 0.80
N VAL B 167 4.52 -15.42 0.23
CA VAL B 167 4.30 -16.76 -0.34
C VAL B 167 5.30 -17.03 -1.48
N LYS B 168 5.44 -16.06 -2.38
CA LYS B 168 6.24 -16.24 -3.60
C LYS B 168 7.73 -16.25 -3.31
N ALA B 169 8.16 -15.29 -2.50
CA ALA B 169 9.58 -15.09 -2.20
C ALA B 169 10.08 -16.11 -1.22
N TYR B 170 9.27 -16.45 -0.21
CA TYR B 170 9.75 -17.21 0.94
C TYR B 170 9.11 -18.59 1.15
N GLY B 171 8.14 -18.91 0.31
CA GLY B 171 7.49 -20.24 0.34
C GLY B 171 6.61 -20.43 1.55
N MET B 172 6.12 -19.33 2.11
CA MET B 172 5.27 -19.39 3.28
C MET B 172 3.84 -19.81 2.95
N ASP B 173 3.10 -20.15 4.02
CA ASP B 173 1.73 -20.61 3.91
C ASP B 173 0.80 -19.51 4.47
N ILE B 174 0.29 -18.69 3.54
CA ILE B 174 -0.51 -17.53 3.90
C ILE B 174 -1.73 -17.48 3.01
N ILE B 175 -2.87 -17.25 3.64
CA ILE B 175 -4.11 -16.97 2.92
C ILE B 175 -4.61 -15.59 3.32
N HIS B 176 -4.98 -14.76 2.34
CA HIS B 176 -5.50 -13.42 2.62
C HIS B 176 -6.99 -13.38 2.35
N THR B 177 -7.72 -12.79 3.28
CA THR B 177 -9.16 -12.55 3.06
C THR B 177 -9.45 -11.14 2.60
N ARG B 178 -10.55 -10.96 1.86
CA ARG B 178 -11.11 -9.62 1.72
C ARG B 178 -12.52 -9.70 2.31
N THR B 179 -12.58 -9.34 3.58
CA THR B 179 -13.82 -9.50 4.36
C THR B 179 -14.70 -8.24 4.15
N PHE B 180 -16.00 -8.44 3.88
CA PHE B 180 -16.88 -7.32 3.66
C PHE B 180 -17.46 -6.94 5.01
N ASN B 181 -18.49 -6.10 5.08
CA ASN B 181 -18.93 -5.65 6.40
C ASN B 181 -19.39 -6.79 7.30
N HIS B 182 -18.92 -6.81 8.54
CA HIS B 182 -19.29 -7.89 9.48
C HIS B 182 -19.90 -7.22 10.70
N ILE B 183 -20.97 -7.81 11.21
CA ILE B 183 -21.80 -7.21 12.25
C ILE B 183 -22.24 -8.20 13.32
N GLY B 184 -22.68 -7.67 14.44
CA GLY B 184 -23.24 -8.52 15.48
C GLY B 184 -23.03 -7.99 16.88
N PRO B 185 -23.62 -8.65 17.87
CA PRO B 185 -23.50 -8.15 19.24
C PRO B 185 -22.05 -8.11 19.69
N GLY B 186 -21.67 -6.96 20.25
CA GLY B 186 -20.31 -6.78 20.80
C GLY B 186 -19.35 -5.95 19.96
N GLN B 187 -19.75 -5.60 18.74
CA GLN B 187 -18.92 -4.68 17.94
C GLN B 187 -18.86 -3.33 18.65
N SER B 188 -17.70 -2.67 18.57
CA SER B 188 -17.54 -1.34 19.17
C SER B 188 -18.39 -0.30 18.48
N LEU B 189 -18.63 0.80 19.19
CA LEU B 189 -19.20 2.00 18.55
C LEU B 189 -18.24 2.51 17.48
N GLY B 190 -18.78 3.26 16.53
CA GLY B 190 -17.98 3.80 15.44
C GLY B 190 -18.21 3.03 14.17
N PHE B 191 -19.09 2.01 14.25
CA PHE B 191 -19.50 1.18 13.10
C PHE B 191 -21.02 1.26 13.03
N VAL B 192 -21.57 1.26 11.82
CA VAL B 192 -22.91 1.77 11.62
C VAL B 192 -24.03 1.10 12.43
N THR B 193 -24.00 -0.23 12.52
CA THR B 193 -25.13 -0.92 13.16
C THR B 193 -25.12 -0.72 14.67
N GLN B 194 -23.93 -0.56 15.24
CA GLN B 194 -23.77 -0.19 16.64
C GLN B 194 -24.18 1.26 16.90
N ASP B 195 -23.66 2.19 16.11
CA ASP B 195 -24.03 3.61 16.24
C ASP B 195 -25.55 3.83 16.17
N PHE B 196 -26.22 3.09 15.30
CA PHE B 196 -27.68 3.22 15.18
C PHE B 196 -28.40 2.54 16.34
N ALA B 197 -28.01 1.30 16.64
CA ALA B 197 -28.74 0.54 17.65
C ALA B 197 -28.64 1.18 19.03
N LYS B 198 -27.44 1.63 19.39
CA LYS B 198 -27.25 2.32 20.68
C LYS B 198 -28.21 3.48 20.87
N GLN B 199 -28.32 4.35 19.85
CA GLN B 199 -29.23 5.50 19.94
C GLN B 199 -30.68 5.07 20.06
N ILE B 200 -31.07 4.02 19.33
CA ILE B 200 -32.47 3.56 19.36
C ILE B 200 -32.83 3.11 20.78
N VAL B 201 -31.96 2.33 21.40
CA VAL B 201 -32.21 1.81 22.74
C VAL B 201 -32.11 2.91 23.79
N ASP B 202 -31.16 3.83 23.62
CA ASP B 202 -31.15 5.07 24.46
C ASP B 202 -32.45 5.83 24.34
N ILE B 203 -33.00 5.92 23.13
CA ILE B 203 -34.29 6.58 22.91
C ILE B 203 -35.43 5.83 23.60
N GLU B 204 -35.38 4.49 23.53
CA GLU B 204 -36.38 3.64 24.19
C GLU B 204 -36.30 3.82 25.69
N MET B 205 -35.08 4.04 26.19
CA MET B 205 -34.85 4.20 27.62
C MET B 205 -34.98 5.66 28.08
N GLU B 206 -35.47 6.51 27.18
CA GLU B 206 -35.64 7.95 27.43
C GLU B 206 -34.34 8.66 27.85
N LYS B 207 -33.21 8.21 27.30
CA LYS B 207 -31.92 8.83 27.57
C LYS B 207 -31.55 9.80 26.45
N GLN B 208 -32.30 9.74 25.35
CA GLN B 208 -32.07 10.56 24.17
C GLN B 208 -33.42 10.99 23.57
N GLU B 209 -33.52 12.25 23.16
CA GLU B 209 -34.64 12.75 22.35
C GLU B 209 -34.93 11.80 21.18
N PRO B 210 -36.21 11.64 20.78
CA PRO B 210 -36.57 10.71 19.71
C PRO B 210 -36.14 11.16 18.30
N ILE B 211 -34.87 11.55 18.18
CA ILE B 211 -34.24 11.82 16.88
C ILE B 211 -32.89 11.08 16.82
N ILE B 212 -32.72 10.25 15.79
CA ILE B 212 -31.46 9.53 15.56
C ILE B 212 -30.52 10.32 14.62
N LYS B 213 -29.26 10.45 15.03
CA LYS B 213 -28.27 11.17 14.23
C LYS B 213 -27.51 10.15 13.36
N VAL B 214 -27.39 10.45 12.06
CA VAL B 214 -26.88 9.50 11.07
C VAL B 214 -25.95 10.17 10.05
N GLY B 215 -25.18 9.35 9.35
CA GLY B 215 -24.35 9.82 8.25
C GLY B 215 -25.00 9.60 6.90
N ASN B 216 -24.19 9.08 5.98
CA ASN B 216 -24.60 8.85 4.62
C ASN B 216 -25.51 7.62 4.54
N LEU B 217 -26.79 7.83 4.20
CA LEU B 217 -27.76 6.71 4.11
C LEU B 217 -27.82 6.04 2.74
N GLU B 218 -27.13 6.62 1.76
CA GLU B 218 -27.17 6.11 0.40
C GLU B 218 -26.11 5.07 0.05
N ALA B 219 -25.07 4.95 0.87
CA ALA B 219 -24.07 3.91 0.68
C ALA B 219 -24.71 2.52 0.72
N VAL B 220 -24.14 1.61 -0.06
CA VAL B 220 -24.53 0.22 -0.08
C VAL B 220 -23.34 -0.62 0.44
N ARG B 221 -23.64 -1.51 1.41
CA ARG B 221 -22.63 -2.45 1.91
C ARG B 221 -23.18 -3.89 1.92
N ASP B 222 -22.26 -4.85 1.97
CA ASP B 222 -22.55 -6.30 1.99
C ASP B 222 -22.31 -6.72 3.45
N PHE B 223 -23.38 -7.11 4.14
CA PHE B 223 -23.31 -7.43 5.58
C PHE B 223 -23.36 -8.96 5.83
N THR B 224 -22.55 -9.41 6.77
CA THR B 224 -22.52 -10.83 7.21
C THR B 224 -22.34 -10.83 8.72
N ASP B 225 -23.02 -11.76 9.38
CA ASP B 225 -22.93 -11.85 10.83
C ASP B 225 -21.56 -12.39 11.21
N VAL B 226 -20.98 -11.83 12.27
CA VAL B 226 -19.67 -12.22 12.77
C VAL B 226 -19.56 -13.74 13.06
N ARG B 227 -20.67 -14.35 13.49
CA ARG B 227 -20.66 -15.79 13.78
C ARG B 227 -20.43 -16.59 12.52
N ASP B 228 -20.97 -16.10 11.41
CA ASP B 228 -20.67 -16.70 10.11
C ASP B 228 -19.25 -16.41 9.61
N ILE B 229 -18.78 -15.19 9.84
CA ILE B 229 -17.43 -14.79 9.41
C ILE B 229 -16.41 -15.77 10.05
N VAL B 230 -16.56 -16.05 11.33
CA VAL B 230 -15.50 -16.83 12.01
C VAL B 230 -15.52 -18.29 11.56
N GLN B 231 -16.70 -18.80 11.19
N GLN B 231 -16.70 -18.77 11.16
CA GLN B 231 -16.77 -20.12 10.55
CA GLN B 231 -16.84 -20.08 10.53
C GLN B 231 -16.01 -20.09 9.22
C GLN B 231 -16.10 -20.13 9.19
N ALA B 232 -16.22 -19.04 8.42
CA ALA B 232 -15.46 -18.91 7.15
C ALA B 232 -13.95 -18.94 7.44
N TYR B 233 -13.50 -18.22 8.47
CA TYR B 233 -12.06 -18.14 8.77
C TYR B 233 -11.50 -19.50 9.15
N TRP B 234 -12.23 -20.19 10.03
CA TRP B 234 -11.88 -21.58 10.39
C TRP B 234 -11.80 -22.50 9.17
N LEU B 235 -12.83 -22.47 8.33
CA LEU B 235 -12.83 -23.34 7.17
C LEU B 235 -11.70 -23.01 6.19
N LEU B 236 -11.44 -21.71 5.97
CA LEU B 236 -10.31 -21.31 5.12
C LEU B 236 -8.98 -21.83 5.67
N SER B 237 -8.82 -21.82 6.99
CA SER B 237 -7.58 -22.28 7.59
C SER B 237 -7.38 -23.77 7.26
N GLN B 238 -8.50 -24.49 7.19
CA GLN B 238 -8.49 -25.93 6.96
C GLN B 238 -8.40 -26.32 5.48
N TYR B 239 -9.09 -25.56 4.63
CA TYR B 239 -9.31 -26.01 3.25
C TYR B 239 -8.84 -25.04 2.18
N GLY B 240 -8.50 -23.82 2.59
CA GLY B 240 -8.02 -22.80 1.66
C GLY B 240 -6.69 -23.16 1.01
N LYS B 241 -6.46 -22.57 -0.16
CA LYS B 241 -5.25 -22.80 -0.94
C LYS B 241 -4.21 -21.73 -0.65
N THR B 242 -3.01 -22.14 -0.27
CA THR B 242 -1.91 -21.20 -0.02
C THR B 242 -1.72 -20.20 -1.16
N GLY B 243 -1.65 -18.91 -0.82
CA GLY B 243 -1.39 -17.85 -1.78
C GLY B 243 -2.65 -17.34 -2.44
N ASP B 244 -3.79 -17.96 -2.13
CA ASP B 244 -5.06 -17.50 -2.71
C ASP B 244 -5.68 -16.39 -1.86
N VAL B 245 -6.48 -15.55 -2.50
CA VAL B 245 -7.25 -14.51 -1.81
C VAL B 245 -8.70 -14.94 -1.82
N TYR B 246 -9.42 -14.73 -0.71
CA TYR B 246 -10.84 -15.11 -0.66
C TYR B 246 -11.68 -13.96 -0.15
N ASN B 247 -12.67 -13.54 -0.96
CA ASN B 247 -13.74 -12.67 -0.45
C ASN B 247 -14.51 -13.46 0.62
N VAL B 248 -14.86 -12.77 1.69
CA VAL B 248 -15.71 -13.35 2.74
C VAL B 248 -16.86 -12.36 2.92
N CYS B 249 -18.01 -12.78 2.41
CA CYS B 249 -19.14 -11.86 2.25
C CYS B 249 -20.41 -12.68 1.97
N SER B 250 -21.56 -11.98 1.97
CA SER B 250 -22.89 -12.58 1.72
C SER B 250 -23.33 -12.48 0.26
N GLY B 251 -22.74 -11.58 -0.52
CA GLY B 251 -23.14 -11.34 -1.93
C GLY B 251 -24.44 -10.57 -2.07
N ILE B 252 -24.89 -9.98 -0.97
CA ILE B 252 -26.12 -9.20 -0.94
C ILE B 252 -25.78 -7.78 -0.50
N GLY B 253 -26.23 -6.81 -1.29
CA GLY B 253 -26.04 -5.38 -0.97
C GLY B 253 -27.24 -4.84 -0.24
N THR B 254 -26.99 -4.12 0.86
CA THR B 254 -28.03 -3.41 1.60
C THR B 254 -27.69 -1.88 1.74
N ARG B 255 -28.62 -1.02 1.32
CA ARG B 255 -28.46 0.42 1.53
C ARG B 255 -28.49 0.71 3.02
N ILE B 256 -27.69 1.68 3.45
CA ILE B 256 -27.64 2.04 4.87
C ILE B 256 -29.02 2.55 5.30
N GLN B 257 -29.69 3.28 4.42
CA GLN B 257 -31.11 3.66 4.64
C GLN B 257 -31.98 2.48 5.07
N ASP B 258 -31.81 1.36 4.38
CA ASP B 258 -32.60 0.17 4.67
C ASP B 258 -32.19 -0.53 5.96
N VAL B 259 -30.89 -0.51 6.27
CA VAL B 259 -30.38 -0.92 7.59
C VAL B 259 -31.09 -0.12 8.70
N LEU B 260 -31.04 1.20 8.58
CA LEU B 260 -31.73 2.06 9.54
C LEU B 260 -33.22 1.75 9.61
N ASP B 261 -33.89 1.62 8.47
CA ASP B 261 -35.34 1.38 8.45
C ASP B 261 -35.70 0.05 9.13
N LEU B 262 -34.86 -0.97 8.94
CA LEU B 262 -35.06 -2.26 9.60
C LEU B 262 -34.97 -2.13 11.10
N LEU B 263 -33.94 -1.43 11.57
CA LEU B 263 -33.78 -1.14 12.99
C LEU B 263 -34.92 -0.31 13.59
N LEU B 264 -35.33 0.75 12.90
CA LEU B 264 -36.45 1.57 13.39
C LEU B 264 -37.76 0.78 13.45
N ALA B 265 -37.92 -0.20 12.56
CA ALA B 265 -39.14 -1.01 12.55
C ALA B 265 -39.19 -1.89 13.79
N MET B 266 -38.02 -2.26 14.30
CA MET B 266 -37.88 -3.06 15.51
C MET B 266 -37.97 -2.29 16.84
N ALA B 267 -37.94 -0.96 16.76
CA ALA B 267 -37.97 -0.11 17.95
C ALA B 267 -39.38 0.09 18.52
N ASN B 268 -39.43 0.39 19.81
CA ASN B 268 -40.67 0.63 20.58
C ASN B 268 -41.45 1.87 20.17
N VAL B 269 -40.73 2.89 19.73
CA VAL B 269 -41.28 4.25 19.60
C VAL B 269 -40.95 4.86 18.24
N LYS B 270 -41.78 5.79 17.79
CA LYS B 270 -41.53 6.52 16.54
C LYS B 270 -40.29 7.39 16.72
N ILE B 271 -39.38 7.31 15.75
CA ILE B 271 -38.08 8.01 15.77
C ILE B 271 -37.85 8.75 14.45
N ASP B 272 -37.53 10.04 14.54
CA ASP B 272 -37.18 10.85 13.37
C ASP B 272 -35.68 10.74 13.07
N THR B 273 -35.31 11.05 11.84
CA THR B 273 -33.91 10.95 11.39
C THR B 273 -33.34 12.33 11.04
N GLU B 274 -32.08 12.56 11.44
CA GLU B 274 -31.38 13.83 11.22
C GLU B 274 -29.90 13.59 10.86
N LEU B 275 -29.41 14.32 9.85
CA LEU B 275 -27.99 14.24 9.46
C LEU B 275 -27.07 14.84 10.53
N ASN B 276 -26.07 14.06 10.91
CA ASN B 276 -24.92 14.53 11.68
C ASN B 276 -23.73 14.62 10.73
N PRO B 277 -23.35 15.85 10.32
CA PRO B 277 -22.29 16.01 9.31
C PRO B 277 -20.96 15.39 9.73
N LEU B 278 -20.74 15.24 11.03
CA LEU B 278 -19.51 14.64 11.56
C LEU B 278 -19.39 13.13 11.28
N GLN B 279 -20.50 12.52 10.87
CA GLN B 279 -20.49 11.11 10.46
C GLN B 279 -20.13 10.94 8.97
N LEU B 280 -20.01 12.07 8.26
CA LEU B 280 -19.72 12.01 6.83
C LEU B 280 -18.21 11.83 6.66
N ARG B 281 -17.81 11.07 5.64
CA ARG B 281 -16.39 10.91 5.37
C ARG B 281 -15.94 11.76 4.17
N PRO B 282 -14.66 12.13 4.12
CA PRO B 282 -14.13 13.01 3.04
C PRO B 282 -14.39 12.45 1.62
N SER B 283 -14.28 11.13 1.49
CA SER B 283 -14.51 10.42 0.25
C SER B 283 -14.94 9.01 0.66
N GLU B 284 -15.93 8.44 -0.02
CA GLU B 284 -16.43 7.12 0.38
C GLU B 284 -16.81 6.23 -0.80
N VAL B 285 -16.55 4.92 -0.68
CA VAL B 285 -17.00 3.93 -1.66
C VAL B 285 -18.53 3.91 -1.62
N PRO B 286 -19.18 4.17 -2.76
CA PRO B 286 -20.62 4.22 -2.80
C PRO B 286 -21.24 2.81 -2.59
N THR B 287 -20.63 1.78 -3.16
CA THR B 287 -21.27 0.45 -3.21
C THR B 287 -20.23 -0.67 -3.20
N LEU B 288 -20.37 -1.59 -2.25
CA LEU B 288 -19.50 -2.79 -2.17
C LEU B 288 -20.39 -4.02 -1.94
N ILE B 289 -20.34 -4.96 -2.91
CA ILE B 289 -21.10 -6.22 -2.89
C ILE B 289 -20.13 -7.21 -3.51
N GLY B 290 -19.86 -8.30 -2.83
CA GLY B 290 -18.81 -9.21 -3.27
C GLY B 290 -19.33 -10.55 -3.75
N SER B 291 -18.57 -11.20 -4.60
CA SER B 291 -18.86 -12.60 -4.96
C SER B 291 -18.20 -13.52 -3.93
N ASN B 292 -18.97 -14.41 -3.29
CA ASN B 292 -18.36 -15.38 -2.36
C ASN B 292 -18.17 -16.75 -3.00
N LYS B 293 -18.22 -16.80 -4.33
CA LYS B 293 -18.13 -18.08 -5.03
C LYS B 293 -16.83 -18.87 -4.74
N ARG B 294 -15.69 -18.17 -4.70
CA ARG B 294 -14.41 -18.85 -4.44
C ARG B 294 -14.40 -19.50 -3.06
N LEU B 295 -14.85 -18.77 -2.04
CA LEU B 295 -14.94 -19.28 -0.67
C LEU B 295 -15.91 -20.46 -0.59
N LYS B 296 -17.10 -20.29 -1.16
CA LYS B 296 -18.09 -21.40 -1.10
C LYS B 296 -17.59 -22.65 -1.78
N ASP B 297 -16.95 -22.49 -2.94
CA ASP B 297 -16.45 -23.64 -3.69
C ASP B 297 -15.34 -24.38 -2.94
N SER B 298 -14.45 -23.62 -2.30
CA SER B 298 -13.32 -24.20 -1.58
C SER B 298 -13.70 -24.86 -0.27
N THR B 299 -14.77 -24.39 0.38
CA THR B 299 -15.00 -24.73 1.78
C THR B 299 -16.38 -25.25 2.13
N GLY B 300 -17.36 -25.08 1.24
CA GLY B 300 -18.73 -25.41 1.58
C GLY B 300 -19.43 -24.45 2.54
N TRP B 301 -18.78 -23.31 2.83
CA TRP B 301 -19.35 -22.28 3.71
C TRP B 301 -20.63 -21.67 3.13
N LYS B 302 -21.57 -21.33 4.02
CA LYS B 302 -22.73 -20.56 3.66
C LYS B 302 -23.07 -19.67 4.82
N PRO B 303 -23.46 -18.40 4.55
CA PRO B 303 -24.04 -17.59 5.62
C PRO B 303 -25.33 -18.22 6.16
N ARG B 304 -25.49 -18.24 7.48
CA ARG B 304 -26.68 -18.86 8.08
C ARG B 304 -27.61 -17.83 8.71
N ILE B 305 -27.05 -16.73 9.21
CA ILE B 305 -27.80 -15.78 10.05
C ILE B 305 -28.25 -14.60 9.22
N PRO B 306 -29.59 -14.43 9.04
CA PRO B 306 -30.10 -13.31 8.25
C PRO B 306 -29.81 -11.95 8.88
N LEU B 307 -29.74 -10.92 8.04
CA LEU B 307 -29.46 -9.56 8.48
C LEU B 307 -30.42 -9.11 9.58
N GLU B 308 -31.72 -9.36 9.38
N GLU B 308 -31.72 -9.35 9.40
CA GLU B 308 -32.75 -8.95 10.36
CA GLU B 308 -32.71 -8.92 10.40
C GLU B 308 -32.44 -9.53 11.73
C GLU B 308 -32.56 -9.59 11.76
N LYS B 309 -31.98 -10.80 11.77
CA LYS B 309 -31.63 -11.46 13.01
C LYS B 309 -30.40 -10.80 13.69
N SER B 310 -29.36 -10.51 12.91
CA SER B 310 -28.19 -9.77 13.45
C SER B 310 -28.63 -8.44 14.05
N LEU B 311 -29.45 -7.70 13.32
CA LEU B 311 -29.83 -6.37 13.78
C LEU B 311 -30.67 -6.48 15.05
N PHE B 312 -31.60 -7.41 15.06
CA PHE B 312 -32.38 -7.70 16.29
C PHE B 312 -31.49 -7.98 17.50
N GLU B 313 -30.53 -8.91 17.35
CA GLU B 313 -29.68 -9.30 18.47
C GLU B 313 -28.80 -8.15 18.99
N ILE B 314 -28.33 -7.30 18.08
CA ILE B 314 -27.64 -6.06 18.46
C ILE B 314 -28.54 -5.20 19.36
N LEU B 315 -29.76 -4.92 18.92
CA LEU B 315 -30.71 -4.19 19.76
C LEU B 315 -30.93 -4.83 21.13
N GLN B 316 -31.12 -6.15 21.17
CA GLN B 316 -31.25 -6.93 22.41
C GLN B 316 -30.04 -6.73 23.33
N SER B 317 -28.85 -6.66 22.76
CA SER B 317 -27.62 -6.48 23.55
C SER B 317 -27.61 -5.14 24.28
N TYR B 318 -28.09 -4.07 23.63
CA TYR B 318 -28.20 -2.77 24.27
C TYR B 318 -29.37 -2.75 25.26
N ARG B 319 -30.43 -3.47 24.95
CA ARG B 319 -31.62 -3.44 25.83
C ARG B 319 -31.36 -4.19 27.14
N GLN B 320 -30.48 -5.20 27.09
CA GLN B 320 -30.22 -6.06 28.25
C GLN B 320 -29.00 -5.60 29.05
N ALA B 321 -28.57 -4.38 28.74
CA ALA B 321 -27.59 -3.58 29.51
C ALA B 321 -26.23 -3.66 28.87
OP3 A2R C . 21.19 9.89 0.10
P2' A2R C . 20.15 10.32 1.12
OP1 A2R C . 20.58 11.41 2.07
OP2 A2R C . 19.45 9.17 1.84
O2' A2R C . 19.05 11.03 0.18
C2' A2R C . 18.11 10.31 -0.61
C1' A2R C . 16.75 10.96 -0.37
N9 A2R C . 16.16 10.46 0.87
C4 A2R C . 15.71 11.29 1.83
N3 A2R C . 15.60 12.65 1.89
C2 A2R C . 15.09 13.23 2.99
N1 A2R C . 14.65 12.49 4.03
C6 A2R C . 14.74 11.12 4.00
N6 A2R C . 14.31 10.38 5.04
C5 A2R C . 15.27 10.49 2.87
N7 A2R C . 15.51 9.20 2.53
C8 A2R C . 16.03 9.16 1.28
O4' A2R C . 16.02 10.76 -1.54
C3' A2R C . 18.32 10.52 -2.11
O3' A2R C . 19.20 11.64 -2.37
C4' A2R C . 16.92 10.83 -2.63
C5' A2R C . 16.49 9.81 -3.67
O5' A2R C . 17.41 9.88 -4.74
P A2R C . 17.98 8.55 -5.47
O1 A2R C . 18.03 7.43 -4.46
O2 A2R C . 19.27 8.94 -6.15
O3 A2R C . 16.80 8.18 -6.48
P1 A2R C . 16.43 8.86 -7.87
O11 A2R C . 16.89 7.91 -8.95
O12 A2R C . 16.72 10.33 -7.83
O15' A2R C . 14.81 8.72 -7.81
C15' A2R C . 13.94 9.84 -7.56
C14' A2R C . 12.50 9.34 -7.43
C13' A2R C . 12.27 8.51 -6.18
O13' A2R C . 10.89 8.65 -5.74
C12' A2R C . 12.51 7.08 -6.67
O12' A2R C . 11.88 6.09 -5.84
C11' A2R C . 11.88 7.16 -8.07
O14' A2R C . 12.19 8.48 -8.54
O11' A2R C . 12.40 6.17 -8.96
N2 GDD D . 21.22 -3.53 -9.55
C2 GDD D . 21.54 -4.61 -10.31
N1 GDD D . 22.78 -5.13 -10.28
N3 GDD D . 20.60 -5.17 -11.09
C4 GDD D . 20.90 -6.27 -11.84
C5 GDD D . 22.18 -6.83 -11.83
C6 GDD D . 23.13 -6.23 -11.02
O6 GDD D . 24.31 -6.67 -10.93
N7 GDD D . 22.17 -7.90 -12.66
C8 GDD D . 20.93 -7.99 -13.20
N9 GDD D . 20.17 -7.00 -12.69
C1' GDD D . 18.75 -6.76 -13.02
C2' GDD D . 17.80 -6.65 -11.83
O2' GDD D . 17.52 -7.89 -11.19
C3' GDD D . 16.60 -6.04 -12.51
O3' GDD D . 15.88 -7.07 -13.20
C4' GDD D . 17.19 -5.12 -13.58
O4' GDD D . 18.57 -5.53 -13.72
C5' GDD D . 17.10 -3.66 -13.16
O5' GDD D . 17.48 -3.57 -11.79
PA GDD D . 17.89 -2.19 -11.07
O1A GDD D . 18.78 -1.42 -12.04
O2A GDD D . 18.41 -2.43 -9.69
O3A GDD D . 16.50 -1.34 -11.03
PB GDD D . 15.01 -1.91 -10.79
O2B GDD D . 14.32 -2.25 -12.12
O3B GDD D . 15.02 -2.95 -9.69
O1B GDD D . 14.38 -0.52 -10.25
C11 GDD D . 14.65 0.69 -10.94
O51 GDD D . 13.62 1.01 -11.89
C51 GDD D . 12.34 1.33 -11.31
C61 GDD D . 11.39 1.71 -12.43
O6A GDD D . 10.89 0.51 -13.01
C21 GDD D . 14.84 1.79 -9.91
O21 GDD D . 15.37 2.94 -10.59
C31 GDD D . 13.48 2.17 -9.27
O31 GDD D . 13.66 3.24 -8.35
C41 GDD D . 12.48 2.52 -10.36
O41 GDD D . 11.17 2.82 -9.85
OP3 A2R E . -8.59 -1.81 21.64
P2' A2R E . -7.15 -2.04 21.24
OP1 A2R E . -6.20 -2.39 22.36
OP2 A2R E . -6.65 -1.06 20.20
O2' A2R E . -7.15 -3.49 20.49
C2' A2R E . -7.38 -3.64 19.10
C1' A2R E . -6.24 -4.45 18.49
N9 A2R E . -5.10 -3.55 18.17
C4 A2R E . -3.85 -3.85 18.59
N3 A2R E . -3.39 -4.95 19.27
C2 A2R E . -2.06 -5.03 19.54
N1 A2R E . -1.22 -4.06 19.16
C6 A2R E . -1.64 -2.95 18.49
N6 A2R E . -0.76 -1.98 18.14
C5 A2R E . -3.01 -2.83 18.17
N7 A2R E . -3.78 -1.91 17.52
C8 A2R E . -5.07 -2.36 17.51
O4' A2R E . -6.79 -5.09 17.36
C3' A2R E . -8.60 -4.52 18.81
O3' A2R E . -8.91 -5.32 19.96
C4' A2R E . -8.15 -5.42 17.69
C5' A2R E . -9.02 -5.27 16.43
O5' A2R E . -10.37 -5.53 16.84
P A2R E . -11.62 -4.59 16.40
O1 A2R E . -11.20 -3.14 16.27
O2 A2R E . -12.74 -4.93 17.38
O3 A2R E . -11.81 -5.06 14.89
P1 A2R E . -12.57 -6.41 14.42
O11 A2R E . -13.97 -5.99 13.98
O12 A2R E . -12.35 -7.48 15.42
O15' A2R E . -11.77 -6.70 13.05
C15' A2R E . -10.83 -7.76 12.99
C14' A2R E . -10.03 -7.69 11.69
C13' A2R E . -9.11 -6.49 11.60
O13' A2R E . -8.04 -6.78 10.68
C12' A2R E . -9.97 -5.41 10.96
O12' A2R E . -9.20 -4.52 10.15
C11' A2R E . -10.88 -6.20 10.04
O14' A2R E . -10.92 -7.53 10.59
O11' A2R E . -12.18 -5.61 10.04
N2 GDD F . -20.07 4.26 11.60
C2 GDD F . -21.10 4.88 10.98
N1 GDD F . -21.92 5.68 11.74
N3 GDD F . -21.32 4.68 9.66
C4 GDD F . -22.37 5.34 9.09
C5 GDD F . -23.20 6.15 9.85
C6 GDD F . -22.96 6.32 11.18
O6 GDD F . -23.71 7.07 11.87
N7 GDD F . -24.15 6.64 9.03
C8 GDD F . -23.93 6.16 7.81
N9 GDD F . -22.84 5.36 7.86
C1' GDD F . -22.28 4.64 6.72
C2' GDD F . -20.77 4.84 6.46
O2' GDD F . -20.43 6.10 5.84
C3' GDD F . -20.52 3.67 5.55
O3' GDD F . -20.87 3.97 4.19
C4' GDD F . -21.44 2.59 6.11
O4' GDD F . -22.40 3.24 6.95
C5' GDD F . -20.69 1.55 6.94
O5' GDD F . -19.68 2.22 7.71
PA GDD F . -19.05 1.52 8.99
O1A GDD F . -19.95 0.63 9.78
O2A GDD F . -18.25 2.55 9.79
O3A GDD F . -18.08 0.45 8.27
PB GDD F . -17.14 0.62 6.95
O2B GDD F . -17.89 0.11 5.68
O3B GDD F . -16.53 1.97 6.81
O1B GDD F . -15.95 -0.43 7.30
C11 GDD F . -16.30 -1.67 7.92
O51 GDD F . -16.37 -2.68 6.89
C51 GDD F . -15.12 -2.97 6.22
C61 GDD F . -15.30 -4.17 5.28
O6A GDD F . -15.73 -3.63 4.04
C21 GDD F . -15.23 -1.99 8.97
O21 GDD F . -15.70 -3.10 9.76
C31 GDD F . -13.89 -2.32 8.30
O31 GDD F . -12.98 -2.82 9.32
C41 GDD F . -14.11 -3.43 7.27
O41 GDD F . -12.89 -3.77 6.58
#